data_4ZEB
#
_entry.id   4ZEB
#
_cell.length_a   177.210
_cell.length_b   51.240
_cell.length_c   119.950
_cell.angle_alpha   90.00
_cell.angle_beta   114.33
_cell.angle_gamma   90.00
#
_symmetry.space_group_name_H-M   'C 1 2 1'
#
loop_
_entity.id
_entity.type
_entity.pdbx_description
1 polymer 'ABC transporter, substrate binding protein (Agrocinopines A and B)'
2 branched alpha-D-gulopyranose-(1-2)-4-O-phosphono-beta-D-fructofuranose
3 non-polymer alpha-L-arabinopyranose
4 non-polymer 1,2-ETHANEDIOL
5 non-polymer DI(HYDROXYETHYL)ETHER
6 water water
#
_entity_poly.entity_id   1
_entity_poly.type   'polypeptide(L)'
_entity_poly.pdbx_seq_one_letter_code
;MQERRALRLGVNGLPNSLEPVNAISNVGPRIVNQIFDTLIARDFFAKGAPGNAIDLVPALAESWERIDEKSVRFKLRQKV
MFHDGVELTADDVAYTFSSERLWGPEAIKKIPLGKSYSLDFDEPVVEDKYTVTLRTKTPSYLIETFVASWMSRIVPKEYY
KKLGAVDFGNKPVGTGPYKFVEFVAGDRVVLEANDAYWGPKPTASKITYQIVAEPATRVAGLISGEYDIITTLTPDDIQL
INSYPDLETRGTLIENFHMFTFNMNQEVFKDKKLRRALALAVNRPIMVEALWKKQASIPAGFNFPNYGETFDPKRKAMEY
NVEEAKRLVKESGYDGTPITYHTMGNYYANAMPALMMMIEMWKQIGVNVVMKTYAPGSFPPDNQTWMRNWSNGQWMTDAY
ATIVPEFGPNGQVQKRWGWKAPAEFNELCQKVTVLPNGKERFDAYNRMRDIFEEEAPAVILYQPYDVYAARKDVHWKPVS
FEMMEFRNNLSFGHHHHHH
;
_entity_poly.pdbx_strand_id   A,B
#
loop_
_chem_comp.id
_chem_comp.type
_chem_comp.name
_chem_comp.formula
4GL D-saccharide, alpha linking alpha-D-gulopyranose 'C6 H12 O6'
ARA L-saccharide, alpha linking alpha-L-arabinopyranose 'C5 H10 O5'
EDO non-polymer 1,2-ETHANEDIOL 'C2 H6 O2'
PEG non-polymer DI(HYDROXYETHYL)ETHER 'C4 H10 O3'
TT7 D-saccharide, beta linking 4-O-phosphono-beta-D-fructofuranose 'C6 H13 O9 P'
#
# COMPACT_ATOMS: atom_id res chain seq x y z
N ARG A 4 -20.11 21.29 20.31
CA ARG A 4 -19.04 20.34 19.99
C ARG A 4 -18.67 19.45 21.18
N ARG A 5 -18.31 18.20 20.89
CA ARG A 5 -17.89 17.22 21.89
C ARG A 5 -16.48 17.50 22.40
N ALA A 6 -16.23 17.16 23.68
CA ALA A 6 -14.91 17.25 24.31
C ALA A 6 -14.18 15.94 24.03
N LEU A 7 -12.93 16.01 23.54
CA LEU A 7 -12.13 14.83 23.19
C LEU A 7 -11.30 14.36 24.40
N ARG A 8 -11.45 13.08 24.78
CA ARG A 8 -10.75 12.47 25.91
C ARG A 8 -9.73 11.47 25.39
N LEU A 9 -8.46 11.76 25.56
CA LEU A 9 -7.39 10.87 25.09
C LEU A 9 -6.65 10.19 26.23
N GLY A 10 -6.52 8.87 26.15
CA GLY A 10 -5.75 8.05 27.09
C GLY A 10 -4.36 7.87 26.48
N VAL A 11 -3.33 8.50 27.08
CA VAL A 11 -1.96 8.48 26.52
C VAL A 11 -0.92 7.66 27.31
N ASN A 12 0.17 7.25 26.65
CA ASN A 12 1.29 6.48 27.24
C ASN A 12 2.16 7.36 28.15
N GLY A 13 2.15 8.66 27.89
CA GLY A 13 2.92 9.61 28.66
C GLY A 13 2.71 11.06 28.27
N LEU A 14 3.32 11.96 29.05
CA LEU A 14 3.22 13.40 28.83
C LEU A 14 4.60 14.02 28.84
N PRO A 15 4.83 15.09 28.04
CA PRO A 15 6.14 15.76 28.09
C PRO A 15 6.30 16.53 29.40
N ASN A 16 7.54 16.84 29.78
CA ASN A 16 7.86 17.62 30.98
C ASN A 16 7.57 19.11 30.72
N SER A 17 7.56 19.53 29.45
CA SER A 17 7.31 20.93 29.08
C SER A 17 6.53 21.03 27.77
N LEU A 18 5.73 22.11 27.63
CA LEU A 18 5.01 22.39 26.40
C LEU A 18 5.75 23.41 25.53
N GLU A 19 7.00 23.77 25.93
CA GLU A 19 7.89 24.62 25.12
C GLU A 19 8.13 23.70 23.88
N PRO A 20 7.77 24.13 22.65
CA PRO A 20 7.74 23.16 21.54
C PRO A 20 8.98 22.36 21.21
N VAL A 21 10.17 22.95 21.35
CA VAL A 21 11.44 22.23 21.13
C VAL A 21 11.71 21.25 22.29
N ASN A 22 11.56 21.72 23.55
CA ASN A 22 11.74 20.89 24.73
C ASN A 22 10.72 19.73 24.78
N ALA A 23 9.53 19.90 24.14
CA ALA A 23 8.51 18.85 24.09
C ALA A 23 8.85 17.73 23.10
N ILE A 24 9.92 17.87 22.28
CA ILE A 24 10.29 16.84 21.28
C ILE A 24 10.51 15.48 21.95
N SER A 25 9.68 14.52 21.57
CA SER A 25 9.61 13.16 22.13
C SER A 25 8.48 12.44 21.39
N ASN A 26 8.18 11.19 21.78
CA ASN A 26 7.05 10.46 21.22
C ASN A 26 5.71 11.01 21.77
N VAL A 27 5.74 11.76 22.91
CA VAL A 27 4.53 12.19 23.60
C VAL A 27 4.15 13.69 23.53
N GLY A 28 5.12 14.54 23.24
CA GLY A 28 4.95 15.99 23.15
C GLY A 28 4.27 16.50 21.88
N PRO A 29 4.71 16.06 20.66
CA PRO A 29 4.12 16.55 19.41
C PRO A 29 2.62 16.44 19.27
N ARG A 30 2.00 15.36 19.79
CA ARG A 30 0.54 15.18 19.73
C ARG A 30 -0.21 16.30 20.49
N ILE A 31 0.47 16.99 21.41
CA ILE A 31 -0.06 18.15 22.15
C ILE A 31 0.39 19.45 21.48
N VAL A 32 1.73 19.64 21.29
CA VAL A 32 2.24 20.91 20.73
C VAL A 32 1.82 21.19 19.30
N ASN A 33 1.53 20.12 18.51
CA ASN A 33 1.02 20.29 17.15
C ASN A 33 -0.35 21.03 17.19
N GLN A 34 -1.08 20.95 18.32
CA GLN A 34 -2.40 21.60 18.48
C GLN A 34 -2.27 23.07 18.89
N ILE A 35 -1.30 23.39 19.75
CA ILE A 35 -1.07 24.74 20.30
C ILE A 35 -0.39 25.65 19.28
N PHE A 36 0.49 25.09 18.45
CA PHE A 36 1.32 25.86 17.52
C PHE A 36 1.14 25.52 16.04
N ASP A 37 1.72 26.39 15.19
CA ASP A 37 1.83 26.19 13.76
C ASP A 37 3.30 26.35 13.33
N THR A 38 3.63 25.87 12.14
CA THR A 38 4.95 26.04 11.51
C THR A 38 4.76 26.95 10.29
N LEU A 39 5.86 27.40 9.65
CA LEU A 39 5.79 28.25 8.45
C LEU A 39 5.32 27.42 7.24
N ILE A 40 5.81 26.18 7.18
CA ILE A 40 5.53 25.17 6.15
C ILE A 40 4.97 23.95 6.88
N ALA A 41 3.84 23.41 6.41
CA ALA A 41 3.24 22.24 7.02
C ALA A 41 3.22 21.07 6.04
N ARG A 42 3.17 19.87 6.57
CA ARG A 42 3.09 18.67 5.76
C ARG A 42 1.62 18.26 5.63
N ASP A 43 1.18 17.97 4.42
CA ASP A 43 -0.20 17.49 4.20
C ASP A 43 -0.09 15.96 4.01
N PHE A 44 -0.26 15.22 5.14
CA PHE A 44 -0.16 13.76 5.17
C PHE A 44 -1.26 13.07 4.34
N PHE A 45 -2.39 13.78 4.11
CA PHE A 45 -3.52 13.20 3.38
C PHE A 45 -3.65 13.65 1.92
N ALA A 46 -2.64 14.38 1.39
CA ALA A 46 -2.63 14.88 0.01
C ALA A 46 -2.84 13.77 -1.04
N LYS A 47 -3.73 14.04 -2.03
CA LYS A 47 -4.11 13.14 -3.14
C LYS A 47 -4.64 11.78 -2.65
N GLY A 48 -5.43 11.85 -1.57
CA GLY A 48 -6.05 10.70 -0.93
C GLY A 48 -5.11 9.70 -0.28
N ALA A 49 -3.87 10.11 0.08
CA ALA A 49 -2.89 9.22 0.73
C ALA A 49 -3.36 8.78 2.13
N PRO A 50 -3.06 7.54 2.56
CA PRO A 50 -3.51 7.10 3.90
C PRO A 50 -2.68 7.66 5.07
N GLY A 51 -2.54 8.98 5.15
CA GLY A 51 -1.78 9.64 6.21
C GLY A 51 -0.27 9.57 6.10
N ASN A 52 0.26 9.27 4.90
CA ASN A 52 1.71 9.18 4.70
C ASN A 52 2.30 10.04 3.57
N ALA A 53 1.51 10.96 2.96
CA ALA A 53 2.00 11.85 1.89
C ALA A 53 3.14 12.76 2.38
N ILE A 54 4.10 13.09 1.49
CA ILE A 54 5.27 13.92 1.77
C ILE A 54 5.11 15.40 1.35
N ASP A 55 3.94 15.76 0.78
CA ASP A 55 3.61 17.08 0.27
C ASP A 55 3.71 18.20 1.32
N LEU A 56 4.43 19.28 0.97
CA LEU A 56 4.63 20.47 1.80
C LEU A 56 3.70 21.57 1.30
N VAL A 57 2.92 22.14 2.23
CA VAL A 57 1.97 23.18 1.88
C VAL A 57 2.25 24.47 2.71
N PRO A 58 1.85 25.65 2.20
CA PRO A 58 2.00 26.87 3.01
C PRO A 58 1.19 26.76 4.29
N ALA A 59 1.68 27.36 5.37
CA ALA A 59 0.98 27.39 6.65
C ALA A 59 1.13 28.80 7.16
N LEU A 60 2.00 29.09 8.17
CA LEU A 60 2.20 30.48 8.62
C LEU A 60 2.89 31.34 7.53
N ALA A 61 3.67 30.69 6.64
CA ALA A 61 4.27 31.36 5.49
C ALA A 61 3.36 31.09 4.27
N GLU A 62 2.87 32.17 3.61
CA GLU A 62 2.01 32.07 2.43
C GLU A 62 2.85 31.63 1.25
N SER A 63 4.12 32.05 1.22
CA SER A 63 5.07 31.73 0.17
C SER A 63 6.49 31.86 0.70
N TRP A 64 7.43 31.26 -0.02
CA TRP A 64 8.85 31.28 0.29
C TRP A 64 9.65 30.98 -0.95
N GLU A 65 10.89 31.44 -0.96
CA GLU A 65 11.82 31.15 -2.02
C GLU A 65 13.24 31.24 -1.54
N ARG A 66 14.01 30.24 -1.93
CA ARG A 66 15.42 30.14 -1.61
C ARG A 66 16.13 31.23 -2.43
N ILE A 67 16.99 32.02 -1.77
CA ILE A 67 17.75 33.14 -2.34
C ILE A 67 19.08 32.62 -2.89
N ASP A 68 19.77 31.80 -2.10
CA ASP A 68 21.06 31.18 -2.45
C ASP A 68 21.26 29.89 -1.62
N GLU A 69 22.50 29.35 -1.58
CA GLU A 69 22.85 28.13 -0.84
C GLU A 69 22.73 28.28 0.71
N LYS A 70 22.60 29.53 1.22
CA LYS A 70 22.60 29.82 2.64
C LYS A 70 21.33 30.52 3.17
N SER A 71 20.34 30.85 2.32
CA SER A 71 19.19 31.61 2.81
C SER A 71 17.89 31.38 2.07
N VAL A 72 16.78 31.44 2.82
CA VAL A 72 15.41 31.29 2.30
C VAL A 72 14.56 32.45 2.85
N ARG A 73 13.87 33.18 1.95
CA ARG A 73 12.98 34.30 2.29
C ARG A 73 11.53 33.84 2.39
N PHE A 74 10.87 34.17 3.51
CA PHE A 74 9.49 33.81 3.81
C PHE A 74 8.56 35.02 3.82
N LYS A 75 7.41 34.89 3.16
CA LYS A 75 6.37 35.94 3.15
C LYS A 75 5.27 35.36 4.04
N LEU A 76 4.98 36.04 5.14
CA LEU A 76 4.06 35.54 6.14
C LEU A 76 2.61 35.81 5.88
N ARG A 77 1.75 34.93 6.40
CA ARG A 77 0.30 35.11 6.38
C ARG A 77 0.01 36.31 7.30
N GLN A 78 -0.83 37.21 6.85
CA GLN A 78 -1.16 38.44 7.57
C GLN A 78 -2.40 38.27 8.45
N LYS A 79 -2.48 39.07 9.53
CA LYS A 79 -3.60 39.10 10.49
C LYS A 79 -3.81 37.79 11.26
N VAL A 80 -2.75 36.97 11.35
CA VAL A 80 -2.76 35.73 12.13
C VAL A 80 -2.58 36.18 13.59
N MET A 81 -3.43 35.66 14.48
CA MET A 81 -3.38 36.01 15.90
C MET A 81 -2.86 34.90 16.79
N PHE A 82 -2.02 35.26 17.77
CA PHE A 82 -1.58 34.35 18.83
C PHE A 82 -2.80 34.24 19.76
N HIS A 83 -2.84 33.20 20.61
CA HIS A 83 -3.97 32.98 21.54
C HIS A 83 -4.33 34.13 22.48
N ASP A 84 -3.38 35.03 22.75
CA ASP A 84 -3.60 36.21 23.60
C ASP A 84 -4.03 37.46 22.79
N GLY A 85 -4.39 37.26 21.51
CA GLY A 85 -4.82 38.33 20.62
C GLY A 85 -3.72 39.14 19.96
N VAL A 86 -2.44 38.80 20.25
CA VAL A 86 -1.27 39.50 19.68
C VAL A 86 -1.08 39.01 18.23
N GLU A 87 -0.92 39.96 17.27
CA GLU A 87 -0.74 39.58 15.87
C GLU A 87 0.66 39.01 15.60
N LEU A 88 0.72 37.92 14.86
CA LEU A 88 1.95 37.28 14.42
C LEU A 88 2.66 38.19 13.39
N THR A 89 3.95 38.48 13.61
CA THR A 89 4.74 39.29 12.68
C THR A 89 6.07 38.62 12.44
N ALA A 90 6.90 39.20 11.53
CA ALA A 90 8.26 38.71 11.25
C ALA A 90 9.14 38.68 12.51
N ASP A 91 8.88 39.59 13.49
CA ASP A 91 9.61 39.62 14.77
C ASP A 91 9.49 38.31 15.57
N ASP A 92 8.28 37.69 15.58
CA ASP A 92 8.03 36.42 16.26
C ASP A 92 8.77 35.28 15.58
N VAL A 93 8.79 35.30 14.22
CA VAL A 93 9.49 34.28 13.44
C VAL A 93 11.00 34.43 13.65
N ALA A 94 11.51 35.66 13.55
CA ALA A 94 12.94 35.94 13.77
C ALA A 94 13.36 35.49 15.17
N TYR A 95 12.47 35.73 16.19
CA TYR A 95 12.73 35.33 17.58
C TYR A 95 12.77 33.80 17.71
N THR A 96 11.79 33.09 17.10
CA THR A 96 11.73 31.63 17.10
C THR A 96 13.08 31.02 16.65
N PHE A 97 13.70 31.61 15.62
CA PHE A 97 14.96 31.09 15.04
C PHE A 97 16.21 31.90 15.44
N SER A 98 16.13 32.63 16.52
CA SER A 98 17.26 33.45 16.96
C SER A 98 18.32 32.69 17.77
N SER A 99 19.49 33.33 17.87
CA SER A 99 20.62 32.92 18.69
C SER A 99 20.14 32.89 20.16
N GLU A 100 19.45 33.97 20.61
CA GLU A 100 18.95 34.10 21.99
C GLU A 100 18.03 32.96 22.46
N ARG A 101 17.07 32.59 21.63
CA ARG A 101 16.06 31.61 21.99
C ARG A 101 16.39 30.18 21.67
N LEU A 102 16.97 29.95 20.48
CA LEU A 102 17.17 28.61 19.97
C LEU A 102 18.55 27.99 19.95
N TRP A 103 19.46 28.56 19.17
CA TRP A 103 20.74 27.90 18.88
C TRP A 103 22.01 28.50 19.44
N GLY A 104 21.91 29.71 19.98
CA GLY A 104 23.07 30.43 20.47
C GLY A 104 23.50 30.02 21.87
N PRO A 105 24.66 30.54 22.35
CA PRO A 105 25.14 30.20 23.70
C PRO A 105 24.12 30.41 24.82
N GLU A 106 23.40 31.54 24.78
CA GLU A 106 22.40 31.91 25.77
C GLU A 106 21.18 30.99 25.78
N ALA A 107 20.88 30.34 24.63
CA ALA A 107 19.76 29.42 24.51
C ALA A 107 20.00 28.05 25.16
N ILE A 108 21.27 27.66 25.33
CA ILE A 108 21.66 26.34 25.86
C ILE A 108 21.04 25.94 27.22
N LYS A 109 20.85 26.89 28.13
CA LYS A 109 20.22 26.61 29.43
C LYS A 109 18.72 26.42 29.29
N LYS A 110 18.09 27.17 28.37
CA LYS A 110 16.64 27.19 28.12
C LYS A 110 16.19 25.97 27.34
N ILE A 111 16.93 25.64 26.27
CA ILE A 111 16.58 24.58 25.36
C ILE A 111 17.87 23.74 25.20
N PRO A 112 18.03 22.72 26.07
CA PRO A 112 19.29 21.93 26.07
C PRO A 112 19.75 21.36 24.72
N LEU A 113 18.84 20.87 23.90
CA LEU A 113 19.22 20.29 22.60
C LEU A 113 19.04 21.23 21.39
N GLY A 114 18.74 22.50 21.66
CA GLY A 114 18.51 23.55 20.66
C GLY A 114 19.63 23.70 19.67
N LYS A 115 20.85 23.85 20.18
CA LYS A 115 22.03 23.96 19.34
C LYS A 115 22.29 22.65 18.53
N SER A 116 22.36 21.49 19.21
CA SER A 116 22.61 20.18 18.62
CA SER A 116 22.64 20.21 18.58
C SER A 116 21.61 19.79 17.50
N TYR A 117 20.33 20.18 17.68
CA TYR A 117 19.27 19.84 16.73
C TYR A 117 19.03 20.88 15.62
N SER A 118 19.64 22.06 15.74
CA SER A 118 19.46 23.12 14.74
CA SER A 118 19.44 23.08 14.71
C SER A 118 20.53 23.06 13.65
N LEU A 119 20.24 23.71 12.52
CA LEU A 119 21.17 23.89 11.42
C LEU A 119 22.21 24.91 11.90
N ASP A 120 23.28 25.15 11.10
CA ASP A 120 24.31 26.14 11.44
C ASP A 120 23.78 27.59 11.16
N PHE A 121 22.75 28.00 11.90
CA PHE A 121 22.10 29.28 11.68
C PHE A 121 22.92 30.52 11.90
N ASP A 122 22.56 31.57 11.16
CA ASP A 122 23.01 32.92 11.40
C ASP A 122 21.73 33.63 11.88
N GLU A 123 21.83 34.85 12.42
CA GLU A 123 20.63 35.55 12.90
C GLU A 123 19.61 35.82 11.79
N PRO A 124 18.31 35.48 11.97
CA PRO A 124 17.32 35.80 10.92
C PRO A 124 17.30 37.31 10.59
N VAL A 125 16.89 37.66 9.37
CA VAL A 125 16.82 39.07 8.94
C VAL A 125 15.35 39.45 8.68
N VAL A 126 14.85 40.41 9.45
CA VAL A 126 13.49 40.94 9.29
C VAL A 126 13.54 42.01 8.18
N GLU A 127 12.81 41.75 7.09
CA GLU A 127 12.75 42.65 5.94
C GLU A 127 11.61 43.66 5.99
N ASP A 128 10.49 43.27 6.64
CA ASP A 128 9.32 44.12 6.82
C ASP A 128 8.38 43.40 7.78
N LYS A 129 7.24 44.00 8.15
CA LYS A 129 6.31 43.37 9.08
C LYS A 129 5.99 41.86 8.80
N TYR A 130 5.85 41.48 7.52
CA TYR A 130 5.50 40.10 7.12
C TYR A 130 6.55 39.40 6.27
N THR A 131 7.82 39.82 6.35
CA THR A 131 8.89 39.23 5.56
C THR A 131 10.11 39.00 6.43
N VAL A 132 10.61 37.79 6.38
CA VAL A 132 11.75 37.34 7.16
C VAL A 132 12.62 36.36 6.36
N THR A 133 13.93 36.55 6.42
CA THR A 133 14.87 35.65 5.78
C THR A 133 15.56 34.84 6.89
N LEU A 134 15.57 33.51 6.74
CA LEU A 134 16.25 32.59 7.64
C LEU A 134 17.52 32.19 6.91
N ARG A 135 18.65 32.24 7.61
CA ARG A 135 19.94 31.95 6.96
C ARG A 135 20.88 31.09 7.79
N THR A 136 21.85 30.48 7.11
CA THR A 136 22.90 29.65 7.72
C THR A 136 24.28 30.27 7.41
N LYS A 137 25.23 30.09 8.33
CA LYS A 137 26.60 30.60 8.21
C LYS A 137 27.40 29.86 7.12
N THR A 138 27.06 28.57 6.89
CA THR A 138 27.67 27.69 5.88
C THR A 138 26.57 27.22 4.94
N PRO A 139 26.85 26.69 3.72
CA PRO A 139 25.76 26.24 2.85
C PRO A 139 24.86 25.18 3.52
N SER A 140 23.54 25.31 3.33
CA SER A 140 22.56 24.35 3.82
C SER A 140 21.40 24.25 2.88
N TYR A 141 21.19 23.05 2.36
CA TYR A 141 20.09 22.76 1.46
C TYR A 141 18.93 22.10 2.25
N LEU A 142 18.94 22.29 3.59
CA LEU A 142 17.97 21.71 4.51
C LEU A 142 17.04 22.71 5.20
N ILE A 143 17.18 24.02 4.89
CA ILE A 143 16.35 25.05 5.54
C ILE A 143 14.85 24.76 5.42
N GLU A 144 14.38 24.42 4.19
CA GLU A 144 12.96 24.15 3.91
C GLU A 144 12.40 22.97 4.73
N THR A 145 13.08 21.84 4.74
CA THR A 145 12.64 20.69 5.54
C THR A 145 12.71 20.97 7.07
N PHE A 146 13.71 21.74 7.49
CA PHE A 146 13.87 22.10 8.91
C PHE A 146 12.68 22.95 9.34
N VAL A 147 12.27 23.92 8.50
CA VAL A 147 11.16 24.84 8.75
CA VAL A 147 11.17 24.82 8.84
C VAL A 147 9.79 24.11 8.85
N ALA A 148 9.68 22.96 8.19
CA ALA A 148 8.45 22.16 8.20
C ALA A 148 8.46 21.18 9.41
N SER A 149 9.58 21.13 10.12
CA SER A 149 9.77 20.15 11.20
C SER A 149 9.26 20.57 12.57
N TRP A 150 9.32 19.64 13.52
CA TRP A 150 8.96 19.87 14.92
C TRP A 150 9.94 20.80 15.68
N MET A 151 11.08 21.19 15.05
CA MET A 151 12.02 22.16 15.63
C MET A 151 11.51 23.59 15.39
N SER A 152 10.56 23.75 14.47
CA SER A 152 10.16 25.04 13.93
C SER A 152 8.80 25.63 14.24
N ARG A 153 8.17 25.19 15.33
CA ARG A 153 6.90 25.76 15.76
C ARG A 153 7.14 27.21 16.20
N ILE A 154 6.29 28.14 15.74
CA ILE A 154 6.41 29.57 15.96
C ILE A 154 5.91 30.02 17.33
N VAL A 155 6.79 30.65 18.09
CA VAL A 155 6.54 31.16 19.45
C VAL A 155 6.41 32.71 19.43
N PRO A 156 5.62 33.31 20.35
CA PRO A 156 5.51 34.77 20.35
C PRO A 156 6.67 35.40 21.12
N LYS A 157 7.37 36.35 20.49
CA LYS A 157 8.53 37.00 21.08
C LYS A 157 8.26 37.64 22.47
N GLU A 158 7.37 38.64 22.52
CA GLU A 158 7.10 39.38 23.75
C GLU A 158 6.69 38.50 24.94
N TYR A 159 5.66 37.66 24.75
CA TYR A 159 5.14 36.76 25.77
C TYR A 159 6.19 35.74 26.24
N TYR A 160 6.92 35.13 25.31
CA TYR A 160 7.92 34.12 25.64
C TYR A 160 9.05 34.79 26.45
N LYS A 161 9.51 35.98 26.01
CA LYS A 161 10.56 36.73 26.71
C LYS A 161 10.13 37.09 28.14
N LYS A 162 8.88 37.56 28.32
CA LYS A 162 8.33 37.94 29.61
C LYS A 162 8.27 36.70 30.56
N LEU A 163 7.83 35.56 30.04
CA LEU A 163 7.71 34.36 30.88
C LEU A 163 9.04 33.64 31.13
N GLY A 164 9.86 33.58 30.10
CA GLY A 164 11.09 32.78 30.09
C GLY A 164 10.70 31.38 29.63
N ALA A 165 11.65 30.61 29.09
CA ALA A 165 11.39 29.28 28.54
C ALA A 165 10.71 28.29 29.50
N VAL A 166 11.08 28.32 30.82
CA VAL A 166 10.50 27.40 31.80
C VAL A 166 9.01 27.71 32.04
N ASP A 167 8.68 28.97 32.37
CA ASP A 167 7.30 29.38 32.59
C ASP A 167 6.47 29.25 31.31
N PHE A 168 7.07 29.57 30.14
CA PHE A 168 6.40 29.42 28.85
C PHE A 168 5.97 27.94 28.62
N GLY A 169 6.84 27.01 29.00
CA GLY A 169 6.56 25.58 28.90
C GLY A 169 5.41 25.13 29.79
N ASN A 170 5.06 25.92 30.81
CA ASN A 170 3.95 25.62 31.70
C ASN A 170 2.69 26.40 31.36
N LYS A 171 2.81 27.41 30.48
CA LYS A 171 1.67 28.25 30.08
C LYS A 171 1.92 28.71 28.64
N PRO A 172 1.92 27.75 27.66
CA PRO A 172 2.26 28.13 26.28
C PRO A 172 1.18 28.93 25.56
N VAL A 173 1.62 29.79 24.64
CA VAL A 173 0.77 30.59 23.77
C VAL A 173 1.30 30.39 22.35
N GLY A 174 0.42 29.97 21.46
CA GLY A 174 0.77 29.75 20.06
C GLY A 174 -0.27 30.33 19.14
N THR A 175 -0.23 29.92 17.84
CA THR A 175 -1.21 30.34 16.83
C THR A 175 -2.14 29.18 16.45
N GLY A 176 -1.89 28.00 17.02
CA GLY A 176 -2.60 26.76 16.71
C GLY A 176 -4.10 26.69 16.90
N PRO A 177 -4.73 25.60 16.37
CA PRO A 177 -6.21 25.45 16.47
C PRO A 177 -6.74 25.23 17.89
N TYR A 178 -5.86 24.93 18.85
CA TYR A 178 -6.24 24.71 20.24
C TYR A 178 -5.34 25.50 21.16
N LYS A 179 -5.93 26.08 22.20
CA LYS A 179 -5.18 26.88 23.16
C LYS A 179 -5.10 26.22 24.52
N PHE A 180 -4.09 26.56 25.29
CA PHE A 180 -3.81 26.03 26.61
C PHE A 180 -4.84 26.34 27.71
N VAL A 181 -5.24 25.31 28.46
CA VAL A 181 -6.18 25.44 29.61
C VAL A 181 -5.41 25.14 30.89
N GLU A 182 -4.88 23.91 31.04
CA GLU A 182 -4.15 23.49 32.22
C GLU A 182 -3.16 22.35 31.95
N PHE A 183 -2.19 22.24 32.88
CA PHE A 183 -1.15 21.23 32.86
C PHE A 183 -0.83 20.84 34.28
N VAL A 184 -1.25 19.63 34.64
CA VAL A 184 -1.01 19.01 35.95
CA VAL A 184 -0.94 19.06 35.95
C VAL A 184 0.14 18.02 35.69
N ALA A 185 1.35 18.38 36.13
CA ALA A 185 2.59 17.63 35.96
C ALA A 185 2.44 16.12 36.18
N GLY A 186 2.77 15.35 35.15
CA GLY A 186 2.67 13.89 35.12
C GLY A 186 1.26 13.35 35.31
N ASP A 187 0.23 14.12 34.88
CA ASP A 187 -1.17 13.67 35.01
C ASP A 187 -2.04 13.97 33.79
N ARG A 188 -2.22 15.26 33.45
CA ARG A 188 -3.04 15.68 32.31
C ARG A 188 -2.69 17.04 31.73
N VAL A 189 -2.98 17.18 30.43
CA VAL A 189 -2.89 18.42 29.70
C VAL A 189 -4.28 18.65 29.14
N VAL A 190 -4.84 19.85 29.38
CA VAL A 190 -6.16 20.22 28.89
C VAL A 190 -5.99 21.43 27.96
N LEU A 191 -6.56 21.32 26.75
CA LEU A 191 -6.60 22.36 25.73
C LEU A 191 -8.05 22.65 25.38
N GLU A 192 -8.33 23.83 24.85
CA GLU A 192 -9.66 24.20 24.41
C GLU A 192 -9.59 24.78 23.01
N ALA A 193 -10.72 24.71 22.26
CA ALA A 193 -10.79 25.22 20.90
C ALA A 193 -10.35 26.67 20.79
N ASN A 194 -9.48 26.98 19.81
CA ASN A 194 -9.11 28.37 19.52
C ASN A 194 -10.03 28.72 18.36
N ASP A 195 -11.17 29.30 18.68
CA ASP A 195 -12.15 29.64 17.65
C ASP A 195 -11.72 30.79 16.70
N ALA A 196 -10.67 31.55 17.08
CA ALA A 196 -10.05 32.63 16.30
C ALA A 196 -8.96 32.09 15.31
N TYR A 197 -8.83 30.75 15.18
CA TYR A 197 -7.82 30.10 14.33
C TYR A 197 -7.89 30.52 12.84
N TRP A 198 -6.72 30.79 12.24
CA TRP A 198 -6.59 31.21 10.82
C TRP A 198 -6.89 30.07 9.81
N GLY A 199 -6.71 28.81 10.21
CA GLY A 199 -6.93 27.67 9.32
C GLY A 199 -8.25 26.97 9.53
N PRO A 200 -8.35 25.65 9.15
CA PRO A 200 -9.61 24.91 9.37
C PRO A 200 -10.00 24.94 10.85
N LYS A 201 -11.23 25.38 11.14
CA LYS A 201 -11.75 25.58 12.50
C LYS A 201 -11.70 24.31 13.39
N PRO A 202 -11.29 24.44 14.69
CA PRO A 202 -11.28 23.26 15.58
C PRO A 202 -12.66 22.64 15.73
N THR A 203 -12.74 21.30 15.64
CA THR A 203 -14.02 20.57 15.72
C THR A 203 -14.32 20.01 17.11
N ALA A 204 -13.35 20.08 18.05
CA ALA A 204 -13.57 19.64 19.41
C ALA A 204 -13.67 20.86 20.31
N SER A 205 -14.55 20.84 21.30
CA SER A 205 -14.69 21.97 22.23
C SER A 205 -13.50 22.03 23.19
N LYS A 206 -13.01 20.85 23.58
CA LYS A 206 -11.92 20.64 24.54
C LYS A 206 -11.16 19.35 24.21
N ILE A 207 -9.84 19.32 24.52
CA ILE A 207 -8.99 18.13 24.35
C ILE A 207 -8.27 17.85 25.68
N THR A 208 -8.49 16.67 26.25
CA THR A 208 -7.81 16.24 27.47
C THR A 208 -6.87 15.08 27.15
N TYR A 209 -5.57 15.22 27.51
CA TYR A 209 -4.55 14.18 27.36
C TYR A 209 -4.32 13.64 28.75
N GLN A 210 -4.89 12.49 29.05
CA GLN A 210 -4.78 11.85 30.36
C GLN A 210 -3.76 10.73 30.33
N ILE A 211 -2.72 10.81 31.20
CA ILE A 211 -1.71 9.76 31.29
C ILE A 211 -2.33 8.49 31.89
N VAL A 212 -2.07 7.34 31.23
CA VAL A 212 -2.50 5.99 31.64
C VAL A 212 -1.29 5.16 31.24
N ALA A 213 -0.27 5.12 32.14
CA ALA A 213 1.02 4.48 31.91
C ALA A 213 0.93 3.00 31.56
N GLU A 214 0.03 2.24 32.21
CA GLU A 214 -0.15 0.81 31.96
C GLU A 214 -1.03 0.61 30.74
N PRO A 215 -0.54 -0.07 29.67
CA PRO A 215 -1.40 -0.25 28.47
C PRO A 215 -2.71 -1.01 28.71
N ALA A 216 -2.74 -1.96 29.68
CA ALA A 216 -3.96 -2.72 30.03
C ALA A 216 -5.05 -1.78 30.60
N THR A 217 -4.65 -0.84 31.49
CA THR A 217 -5.55 0.15 32.12
C THR A 217 -6.12 1.10 31.05
N ARG A 218 -5.34 1.38 29.99
CA ARG A 218 -5.69 2.26 28.88
C ARG A 218 -6.79 1.60 28.04
N VAL A 219 -6.62 0.30 27.71
CA VAL A 219 -7.58 -0.53 26.96
C VAL A 219 -8.88 -0.63 27.76
N ALA A 220 -8.78 -0.92 29.08
CA ALA A 220 -9.92 -1.02 30.00
C ALA A 220 -10.70 0.29 30.08
N GLY A 221 -9.98 1.42 29.98
CA GLY A 221 -10.57 2.75 29.95
C GLY A 221 -11.41 2.97 28.71
N LEU A 222 -10.90 2.54 27.53
CA LEU A 222 -11.60 2.65 26.25
C LEU A 222 -12.88 1.79 26.21
N ILE A 223 -12.80 0.53 26.70
CA ILE A 223 -13.93 -0.41 26.78
C ILE A 223 -15.05 0.17 27.67
N SER A 224 -14.69 0.76 28.82
CA SER A 224 -15.62 1.39 29.77
C SER A 224 -16.17 2.77 29.32
N GLY A 225 -15.68 3.31 28.20
CA GLY A 225 -16.15 4.60 27.69
C GLY A 225 -15.50 5.84 28.27
N GLU A 226 -14.46 5.67 29.10
CA GLU A 226 -13.71 6.76 29.74
C GLU A 226 -12.89 7.59 28.74
N TYR A 227 -12.49 6.98 27.59
CA TYR A 227 -11.66 7.65 26.57
C TYR A 227 -12.24 7.52 25.18
N ASP A 228 -11.97 8.53 24.34
CA ASP A 228 -12.40 8.56 22.95
C ASP A 228 -11.34 7.87 22.08
N ILE A 229 -10.05 8.16 22.35
CA ILE A 229 -8.89 7.59 21.64
C ILE A 229 -7.81 7.23 22.66
N ILE A 230 -7.15 6.08 22.46
CA ILE A 230 -6.02 5.66 23.28
C ILE A 230 -4.82 5.43 22.36
N THR A 231 -3.62 5.68 22.87
CA THR A 231 -2.39 5.57 22.08
C THR A 231 -1.52 4.41 22.51
N THR A 232 -0.44 4.17 21.73
CA THR A 232 0.65 3.28 22.02
C THR A 232 0.23 1.86 22.42
N LEU A 233 -0.53 1.22 21.54
CA LEU A 233 -0.93 -0.18 21.75
C LEU A 233 -0.04 -1.05 20.88
N THR A 234 -0.14 -2.36 21.03
CA THR A 234 0.65 -3.29 20.23
C THR A 234 -0.31 -4.06 19.31
N PRO A 235 0.18 -4.65 18.19
CA PRO A 235 -0.71 -5.45 17.32
C PRO A 235 -1.43 -6.61 18.03
N ASP A 236 -0.95 -7.01 19.22
CA ASP A 236 -1.56 -8.06 20.04
C ASP A 236 -2.90 -7.62 20.66
N ASP A 237 -3.08 -6.29 20.85
CA ASP A 237 -4.30 -5.70 21.42
C ASP A 237 -5.43 -5.58 20.39
N ILE A 238 -5.11 -5.68 19.09
CA ILE A 238 -6.03 -5.54 17.95
C ILE A 238 -7.33 -6.38 18.01
N GLN A 239 -7.18 -7.70 18.15
CA GLN A 239 -8.32 -8.64 18.18
C GLN A 239 -9.38 -8.34 19.26
N LEU A 240 -8.94 -7.99 20.48
CA LEU A 240 -9.86 -7.68 21.57
C LEU A 240 -10.70 -6.41 21.31
N ILE A 241 -10.04 -5.29 20.95
CA ILE A 241 -10.69 -4.00 20.68
C ILE A 241 -11.69 -4.10 19.52
N ASN A 242 -11.28 -4.73 18.40
CA ASN A 242 -12.11 -4.88 17.21
C ASN A 242 -13.30 -5.85 17.39
N SER A 243 -13.31 -6.63 18.50
CA SER A 243 -14.43 -7.53 18.81
C SER A 243 -15.61 -6.69 19.35
N TYR A 244 -15.33 -5.47 19.81
CA TYR A 244 -16.34 -4.52 20.29
C TYR A 244 -16.92 -3.76 19.10
N PRO A 245 -18.27 -3.77 18.91
CA PRO A 245 -18.84 -3.04 17.76
C PRO A 245 -18.70 -1.53 17.78
N ASP A 246 -18.56 -0.92 18.99
CA ASP A 246 -18.40 0.53 19.15
C ASP A 246 -16.94 1.01 19.05
N LEU A 247 -15.95 0.08 19.17
CA LEU A 247 -14.51 0.44 19.12
C LEU A 247 -13.82 -0.12 17.88
N GLU A 248 -12.64 0.43 17.56
CA GLU A 248 -11.79 -0.04 16.46
C GLU A 248 -10.34 0.36 16.61
N THR A 249 -9.43 -0.37 15.96
CA THR A 249 -8.02 -0.01 15.97
C THR A 249 -7.68 0.73 14.69
N ARG A 250 -6.74 1.66 14.79
CA ARG A 250 -6.25 2.47 13.68
C ARG A 250 -4.74 2.52 13.83
N GLY A 251 -4.06 1.96 12.85
CA GLY A 251 -2.61 1.86 12.89
C GLY A 251 -1.92 2.27 11.61
N THR A 252 -0.62 2.55 11.74
CA THR A 252 0.27 2.94 10.64
C THR A 252 1.74 2.75 11.03
N LEU A 253 2.57 2.55 10.03
CA LEU A 253 4.02 2.49 10.20
C LEU A 253 4.41 3.97 10.36
N ILE A 254 5.21 4.30 11.35
CA ILE A 254 5.60 5.69 11.54
C ILE A 254 7.05 5.93 11.17
N GLU A 255 7.41 7.20 10.92
CA GLU A 255 8.77 7.62 10.54
C GLU A 255 9.61 7.82 11.81
N ASN A 256 9.90 6.71 12.46
CA ASN A 256 10.62 6.61 13.71
C ASN A 256 11.19 5.20 13.80
N PHE A 257 12.25 5.04 14.57
CA PHE A 257 12.80 3.71 14.82
C PHE A 257 13.00 3.52 16.31
N HIS A 258 12.70 2.31 16.79
CA HIS A 258 12.97 1.90 18.16
C HIS A 258 14.41 1.38 18.15
N MET A 259 15.11 1.56 19.26
CA MET A 259 16.51 1.10 19.38
C MET A 259 16.86 0.85 20.82
N PHE A 260 18.05 0.24 21.05
CA PHE A 260 18.66 0.23 22.35
C PHE A 260 20.04 0.88 22.16
N THR A 261 20.52 1.52 23.20
CA THR A 261 21.77 2.26 23.15
C THR A 261 22.57 2.06 24.43
N PHE A 262 23.78 2.65 24.44
CA PHE A 262 24.75 2.39 25.51
C PHE A 262 25.27 3.64 26.15
N ASN A 263 25.59 3.52 27.46
CA ASN A 263 26.30 4.60 28.14
C ASN A 263 27.78 4.21 27.94
N MET A 264 28.39 4.79 26.92
CA MET A 264 29.78 4.49 26.54
C MET A 264 30.84 5.13 27.46
N ASN A 265 30.40 5.82 28.54
CA ASN A 265 31.28 6.30 29.59
C ASN A 265 31.52 5.11 30.56
N GLN A 266 30.67 4.04 30.51
CA GLN A 266 30.86 2.87 31.37
C GLN A 266 31.98 2.01 30.79
N GLU A 267 32.86 1.50 31.66
CA GLU A 267 34.02 0.69 31.29
C GLU A 267 33.71 -0.43 30.28
N VAL A 268 32.63 -1.20 30.52
CA VAL A 268 32.23 -2.34 29.69
C VAL A 268 31.82 -1.92 28.25
N PHE A 269 31.40 -0.66 28.07
CA PHE A 269 30.98 -0.20 26.76
C PHE A 269 31.88 0.84 26.10
N LYS A 270 33.07 1.12 26.66
CA LYS A 270 34.02 2.09 26.07
C LYS A 270 34.48 1.66 24.67
N ASP A 271 34.72 0.35 24.49
CA ASP A 271 35.11 -0.34 23.26
C ASP A 271 33.88 -0.96 22.54
N LYS A 272 33.92 -1.00 21.20
CA LYS A 272 32.84 -1.51 20.35
C LYS A 272 32.59 -3.03 20.46
N LYS A 273 33.58 -3.84 20.90
CA LYS A 273 33.49 -5.32 20.95
C LYS A 273 32.19 -5.87 21.52
N LEU A 274 31.88 -5.55 22.80
CA LEU A 274 30.65 -6.03 23.43
C LEU A 274 29.40 -5.34 22.84
N ARG A 275 29.56 -4.08 22.35
CA ARG A 275 28.42 -3.37 21.72
C ARG A 275 28.02 -4.18 20.46
N ARG A 276 29.02 -4.58 19.66
CA ARG A 276 28.86 -5.37 18.45
C ARG A 276 28.27 -6.76 18.72
N ALA A 277 28.76 -7.48 19.76
CA ALA A 277 28.27 -8.81 20.17
C ALA A 277 26.78 -8.75 20.48
N LEU A 278 26.36 -7.76 21.30
CA LEU A 278 24.94 -7.58 21.64
C LEU A 278 24.10 -7.28 20.37
N ALA A 279 24.64 -6.47 19.44
CA ALA A 279 23.96 -6.15 18.17
C ALA A 279 23.80 -7.40 17.27
N LEU A 280 24.87 -8.21 17.18
CA LEU A 280 24.91 -9.41 16.32
C LEU A 280 23.99 -10.55 16.74
N ALA A 281 23.56 -10.53 18.00
CA ALA A 281 22.67 -11.56 18.57
C ALA A 281 21.17 -11.18 18.51
N VAL A 282 20.85 -9.94 18.11
CA VAL A 282 19.44 -9.50 17.99
C VAL A 282 18.81 -10.12 16.75
N ASN A 283 17.88 -11.07 16.95
CA ASN A 283 17.12 -11.72 15.87
C ASN A 283 15.84 -10.91 15.66
N ARG A 284 15.95 -9.85 14.83
CA ARG A 284 14.85 -8.94 14.51
C ARG A 284 13.64 -9.64 13.87
N PRO A 285 13.80 -10.54 12.85
CA PRO A 285 12.61 -11.19 12.26
C PRO A 285 11.77 -11.94 13.29
N ILE A 286 12.41 -12.64 14.27
CA ILE A 286 11.68 -13.35 15.31
C ILE A 286 10.88 -12.40 16.23
N MET A 287 11.45 -11.24 16.59
CA MET A 287 10.77 -10.24 17.42
C MET A 287 9.57 -9.64 16.67
N VAL A 288 9.76 -9.34 15.37
CA VAL A 288 8.73 -8.79 14.49
C VAL A 288 7.55 -9.78 14.34
N GLU A 289 7.83 -11.10 14.24
CA GLU A 289 6.78 -12.13 14.15
C GLU A 289 6.03 -12.25 15.48
N ALA A 290 6.78 -12.47 16.58
CA ALA A 290 6.25 -12.69 17.92
C ALA A 290 5.53 -11.50 18.54
N LEU A 291 6.04 -10.27 18.37
CA LEU A 291 5.47 -9.09 19.01
C LEU A 291 4.71 -8.12 18.13
N TRP A 292 5.02 -8.12 16.83
CA TRP A 292 4.44 -7.12 15.93
C TRP A 292 3.51 -7.67 14.85
N LYS A 293 3.25 -8.98 14.86
CA LYS A 293 2.39 -9.67 13.89
C LYS A 293 2.74 -9.25 12.44
N LYS A 294 4.06 -9.18 12.13
CA LYS A 294 4.64 -8.83 10.81
C LYS A 294 4.46 -7.35 10.41
N GLN A 295 3.90 -6.52 11.31
CA GLN A 295 3.57 -5.13 10.99
C GLN A 295 4.69 -4.12 11.14
N ALA A 296 5.69 -4.42 11.99
CA ALA A 296 6.83 -3.51 12.13
C ALA A 296 7.75 -3.74 10.93
N SER A 297 8.56 -2.74 10.56
CA SER A 297 9.45 -2.85 9.42
C SER A 297 10.91 -2.82 9.86
N ILE A 298 11.71 -3.75 9.35
CA ILE A 298 13.14 -3.81 9.66
C ILE A 298 13.90 -3.03 8.59
N PRO A 299 14.53 -1.88 8.94
CA PRO A 299 15.26 -1.14 7.91
C PRO A 299 16.61 -1.78 7.59
N ALA A 300 17.11 -1.52 6.38
CA ALA A 300 18.42 -1.99 5.94
C ALA A 300 19.41 -0.88 6.38
N GLY A 301 19.70 -0.84 7.68
CA GLY A 301 20.59 0.13 8.30
C GLY A 301 19.88 1.39 8.75
N PHE A 302 20.66 2.43 9.09
CA PHE A 302 20.13 3.74 9.53
C PHE A 302 19.69 4.42 8.22
N ASN A 303 18.57 3.92 7.65
CA ASN A 303 18.13 4.20 6.29
C ASN A 303 16.61 3.97 6.15
N PHE A 304 15.87 5.06 5.87
CA PHE A 304 14.40 5.06 5.83
C PHE A 304 13.80 5.72 4.60
N PRO A 305 12.64 5.20 4.09
CA PRO A 305 12.03 5.79 2.89
C PRO A 305 11.77 7.30 2.92
N ASN A 306 11.46 7.89 4.08
CA ASN A 306 11.21 9.34 4.17
C ASN A 306 12.45 10.18 3.86
N TYR A 307 13.66 9.55 3.76
CA TYR A 307 14.88 10.27 3.38
C TYR A 307 14.83 10.73 1.90
N GLY A 308 13.91 10.16 1.11
CA GLY A 308 13.72 10.50 -0.30
C GLY A 308 14.96 10.22 -1.12
N GLU A 309 15.64 11.30 -1.57
CA GLU A 309 16.87 11.22 -2.38
C GLU A 309 18.05 10.54 -1.66
N THR A 310 18.05 10.53 -0.30
CA THR A 310 19.11 9.91 0.49
C THR A 310 18.71 8.58 1.13
N PHE A 311 17.60 8.00 0.64
CA PHE A 311 17.18 6.66 1.02
C PHE A 311 17.83 5.73 0.03
N ASP A 312 18.46 4.65 0.51
CA ASP A 312 19.08 3.66 -0.34
C ASP A 312 18.22 2.36 -0.34
N PRO A 313 17.38 2.16 -1.38
CA PRO A 313 16.54 0.95 -1.42
C PRO A 313 17.34 -0.34 -1.66
N LYS A 314 18.63 -0.25 -2.03
CA LYS A 314 19.50 -1.40 -2.35
C LYS A 314 20.40 -1.92 -1.20
N ARG A 315 20.43 -1.21 -0.04
CA ARG A 315 21.28 -1.57 1.08
C ARG A 315 21.06 -2.96 1.63
N LYS A 316 22.17 -3.59 2.04
CA LYS A 316 22.19 -4.91 2.65
C LYS A 316 21.56 -4.85 4.04
N ALA A 317 20.98 -5.98 4.48
CA ALA A 317 20.37 -6.08 5.82
C ALA A 317 21.44 -5.95 6.92
N MET A 318 21.03 -5.46 8.10
CA MET A 318 21.90 -5.38 9.28
C MET A 318 22.24 -6.82 9.67
N GLU A 319 23.50 -7.09 10.03
CA GLU A 319 23.98 -8.45 10.30
C GLU A 319 23.41 -9.12 11.54
N TYR A 320 23.16 -10.43 11.42
CA TYR A 320 22.74 -11.28 12.52
C TYR A 320 23.71 -12.47 12.48
N ASN A 321 24.54 -12.62 13.51
CA ASN A 321 25.56 -13.66 13.52
C ASN A 321 25.90 -14.10 14.96
N VAL A 322 25.18 -15.12 15.46
CA VAL A 322 25.33 -15.65 16.83
C VAL A 322 26.75 -16.18 17.14
N GLU A 323 27.38 -16.86 16.16
CA GLU A 323 28.73 -17.38 16.35
C GLU A 323 29.78 -16.29 16.48
N GLU A 324 29.68 -15.23 15.63
CA GLU A 324 30.59 -14.10 15.71
C GLU A 324 30.34 -13.33 17.03
N ALA A 325 29.06 -13.21 17.44
CA ALA A 325 28.68 -12.56 18.70
C ALA A 325 29.37 -13.28 19.89
N LYS A 326 29.31 -14.62 19.92
CA LYS A 326 29.95 -15.46 20.97
C LYS A 326 31.45 -15.23 21.04
N ARG A 327 32.13 -15.28 19.88
CA ARG A 327 33.58 -15.03 19.71
C ARG A 327 33.93 -13.62 20.28
N LEU A 328 33.07 -12.59 20.02
CA LEU A 328 33.28 -11.22 20.53
C LEU A 328 33.11 -11.12 22.04
N VAL A 329 32.15 -11.87 22.63
CA VAL A 329 31.92 -11.87 24.10
C VAL A 329 33.21 -12.41 24.79
N LYS A 330 33.75 -13.53 24.28
CA LYS A 330 35.00 -14.13 24.79
C LYS A 330 36.18 -13.14 24.67
N GLU A 331 36.35 -12.50 23.48
CA GLU A 331 37.45 -11.55 23.21
C GLU A 331 37.43 -10.33 24.14
N SER A 332 36.22 -9.79 24.45
CA SER A 332 36.03 -8.62 25.32
C SER A 332 36.44 -8.88 26.78
N GLY A 333 36.49 -10.15 27.18
CA GLY A 333 36.82 -10.53 28.55
C GLY A 333 35.65 -10.34 29.50
N TYR A 334 34.41 -10.27 28.97
CA TYR A 334 33.20 -10.12 29.78
C TYR A 334 33.12 -11.29 30.79
N ASP A 335 32.85 -10.97 32.06
CA ASP A 335 32.90 -11.94 33.16
C ASP A 335 31.58 -12.54 33.67
N GLY A 336 30.46 -12.18 33.05
CA GLY A 336 29.17 -12.71 33.49
C GLY A 336 28.37 -11.77 34.37
N THR A 337 29.02 -10.70 34.89
CA THR A 337 28.38 -9.67 35.70
C THR A 337 27.12 -9.15 34.98
N PRO A 338 25.94 -9.13 35.64
CA PRO A 338 24.74 -8.62 34.96
C PRO A 338 24.88 -7.16 34.54
N ILE A 339 24.41 -6.86 33.33
CA ILE A 339 24.40 -5.52 32.74
C ILE A 339 22.95 -5.04 32.77
N THR A 340 22.70 -3.87 33.37
CA THR A 340 21.32 -3.34 33.42
C THR A 340 20.87 -2.73 32.08
N TYR A 341 19.56 -2.78 31.86
CA TYR A 341 18.88 -2.23 30.69
C TYR A 341 17.69 -1.46 31.24
N HIS A 342 17.74 -0.13 31.18
CA HIS A 342 16.72 0.76 31.72
C HIS A 342 15.58 0.97 30.74
N THR A 343 14.36 0.80 31.24
CA THR A 343 13.13 1.04 30.46
C THR A 343 12.08 1.75 31.30
N MET A 344 11.37 2.71 30.71
CA MET A 344 10.31 3.43 31.42
C MET A 344 9.01 2.68 31.17
N GLY A 345 8.93 1.48 31.74
CA GLY A 345 7.82 0.55 31.55
C GLY A 345 7.59 0.35 30.07
N ASN A 346 6.33 0.51 29.63
CA ASN A 346 5.99 0.43 28.22
C ASN A 346 5.69 1.80 27.56
N TYR A 347 6.52 2.83 27.88
CA TYR A 347 6.49 4.14 27.22
C TYR A 347 6.58 3.89 25.69
N TYR A 348 7.46 2.97 25.28
CA TYR A 348 7.58 2.50 23.90
C TYR A 348 6.73 1.24 23.81
N ALA A 349 5.88 1.14 22.77
CA ALA A 349 5.06 -0.06 22.51
C ALA A 349 6.01 -1.25 22.39
N ASN A 350 5.68 -2.35 23.07
CA ASN A 350 6.48 -3.58 23.11
C ASN A 350 7.86 -3.47 23.76
N ALA A 351 8.17 -2.37 24.52
CA ALA A 351 9.50 -2.22 25.14
C ALA A 351 9.86 -3.41 26.03
N MET A 352 9.00 -3.72 27.03
CA MET A 352 9.27 -4.83 27.96
C MET A 352 9.22 -6.23 27.31
N PRO A 353 8.22 -6.58 26.47
CA PRO A 353 8.26 -7.90 25.79
C PRO A 353 9.49 -8.03 24.86
N ALA A 354 9.90 -6.96 24.15
CA ALA A 354 11.10 -7.00 23.28
C ALA A 354 12.33 -7.26 24.14
N LEU A 355 12.44 -6.55 25.29
CA LEU A 355 13.55 -6.75 26.22
C LEU A 355 13.63 -8.20 26.76
N MET A 356 12.47 -8.80 27.16
CA MET A 356 12.41 -10.19 27.64
C MET A 356 12.98 -11.16 26.60
N MET A 357 12.61 -10.96 25.33
CA MET A 357 13.12 -11.78 24.23
C MET A 357 14.64 -11.59 24.05
N MET A 358 15.11 -10.32 24.05
CA MET A 358 16.53 -9.98 23.90
C MET A 358 17.37 -10.52 25.05
N ILE A 359 16.87 -10.45 26.30
CA ILE A 359 17.56 -11.01 27.47
C ILE A 359 17.85 -12.51 27.22
N GLU A 360 16.87 -13.26 26.66
CA GLU A 360 17.03 -14.68 26.34
C GLU A 360 18.06 -14.89 25.22
N MET A 361 17.98 -14.03 24.15
CA MET A 361 18.93 -14.07 23.03
C MET A 361 20.37 -13.83 23.53
N TRP A 362 20.53 -12.84 24.43
CA TRP A 362 21.82 -12.50 25.02
C TRP A 362 22.36 -13.56 25.97
N LYS A 363 21.47 -14.16 26.80
CA LYS A 363 21.85 -15.25 27.70
C LYS A 363 22.46 -16.39 26.87
N GLN A 364 21.91 -16.62 25.66
CA GLN A 364 22.40 -17.66 24.74
C GLN A 364 23.78 -17.38 24.15
N ILE A 365 24.25 -16.11 24.18
CA ILE A 365 25.62 -15.74 23.73
C ILE A 365 26.60 -15.57 24.92
N GLY A 366 26.09 -15.76 26.12
CA GLY A 366 26.87 -15.68 27.36
C GLY A 366 26.84 -14.33 28.04
N VAL A 367 25.88 -13.45 27.69
CA VAL A 367 25.77 -12.13 28.31
C VAL A 367 24.53 -12.06 29.19
N ASN A 368 24.70 -11.66 30.45
CA ASN A 368 23.58 -11.56 31.38
C ASN A 368 23.13 -10.13 31.48
N VAL A 369 21.90 -9.87 31.01
CA VAL A 369 21.30 -8.53 30.98
C VAL A 369 20.09 -8.58 31.91
N VAL A 370 19.91 -7.55 32.74
CA VAL A 370 18.81 -7.45 33.69
C VAL A 370 17.97 -6.18 33.47
N MET A 371 16.63 -6.33 33.46
CA MET A 371 15.73 -5.18 33.28
C MET A 371 15.70 -4.32 34.53
N LYS A 372 15.77 -3.00 34.35
CA LYS A 372 15.58 -2.02 35.41
C LYS A 372 14.53 -1.04 34.93
N THR A 373 13.44 -0.91 35.67
CA THR A 373 12.41 0.04 35.24
C THR A 373 12.57 1.36 35.99
N TYR A 374 12.11 2.45 35.36
CA TYR A 374 12.06 3.78 35.96
C TYR A 374 10.70 4.41 35.68
N ALA A 375 10.24 5.28 36.58
CA ALA A 375 8.93 5.93 36.53
C ALA A 375 8.83 7.05 35.48
N PRO A 376 7.60 7.37 34.98
CA PRO A 376 7.47 8.48 34.00
C PRO A 376 8.10 9.79 34.49
N GLY A 377 8.93 10.40 33.65
CA GLY A 377 9.66 11.63 33.98
C GLY A 377 10.70 11.49 35.09
N SER A 378 11.14 10.24 35.38
CA SER A 378 12.12 9.94 36.43
C SER A 378 13.36 9.18 35.91
N PHE A 379 13.94 9.65 34.77
CA PHE A 379 15.16 9.07 34.19
C PHE A 379 16.28 9.21 35.23
N PRO A 380 16.99 8.10 35.56
CA PRO A 380 18.01 8.18 36.63
C PRO A 380 19.29 8.91 36.19
N PRO A 381 20.23 9.26 37.10
CA PRO A 381 21.49 9.88 36.66
C PRO A 381 22.21 8.95 35.67
N ASP A 382 22.89 9.54 34.69
CA ASP A 382 23.61 8.84 33.61
C ASP A 382 24.51 7.71 34.08
N ASN A 383 25.28 7.95 35.17
CA ASN A 383 26.21 6.97 35.78
C ASN A 383 25.52 5.72 36.38
N GLN A 384 24.19 5.76 36.56
CA GLN A 384 23.42 4.62 37.05
C GLN A 384 22.95 3.75 35.84
N THR A 385 23.21 4.20 34.60
CA THR A 385 22.74 3.48 33.41
C THR A 385 23.84 2.83 32.58
N TRP A 386 23.55 1.66 32.02
CA TRP A 386 24.46 0.91 31.14
C TRP A 386 23.75 0.87 29.76
N MET A 387 22.80 -0.07 29.59
CA MET A 387 21.98 -0.12 28.37
C MET A 387 20.66 0.59 28.65
N ARG A 388 20.01 1.09 27.61
CA ARG A 388 18.68 1.73 27.71
C ARG A 388 18.01 1.69 26.36
N ASN A 389 16.68 1.73 26.34
CA ASN A 389 15.98 1.80 25.05
C ASN A 389 15.73 3.29 24.75
N TRP A 390 15.45 3.58 23.49
CA TRP A 390 15.23 4.95 23.03
C TRP A 390 14.59 4.84 21.66
N SER A 391 14.19 5.97 21.09
CA SER A 391 13.67 6.01 19.74
C SER A 391 14.15 7.30 19.12
N ASN A 392 14.13 7.37 17.78
CA ASN A 392 14.44 8.59 17.05
C ASN A 392 13.40 8.79 15.95
N GLY A 393 12.72 9.93 16.00
CA GLY A 393 11.80 10.31 14.94
C GLY A 393 12.63 10.83 13.79
N GLN A 394 12.40 10.30 12.60
CA GLN A 394 13.15 10.71 11.40
C GLN A 394 12.42 11.94 10.83
N TRP A 395 12.81 13.10 11.38
CA TRP A 395 12.14 14.38 11.22
C TRP A 395 12.38 15.28 10.03
N MET A 396 13.20 14.84 9.07
CA MET A 396 13.43 15.60 7.84
C MET A 396 13.13 14.71 6.65
N THR A 397 12.95 15.30 5.45
CA THR A 397 12.81 14.55 4.20
C THR A 397 14.23 14.41 3.63
N ASP A 398 15.16 13.99 4.50
CA ASP A 398 16.59 13.89 4.23
C ASP A 398 17.25 13.00 5.27
N ALA A 399 18.33 12.31 4.88
CA ALA A 399 19.10 11.43 5.78
C ALA A 399 19.84 12.18 6.91
N TYR A 400 19.98 13.53 6.83
CA TYR A 400 20.60 14.34 7.89
C TYR A 400 20.08 13.97 9.26
N ALA A 401 18.72 13.94 9.46
CA ALA A 401 18.12 13.56 10.73
C ALA A 401 17.80 12.05 10.67
N THR A 402 18.13 11.29 11.73
CA THR A 402 18.75 11.75 12.97
C THR A 402 20.25 11.40 13.10
N ILE A 403 20.84 10.76 12.10
CA ILE A 403 22.27 10.37 12.21
C ILE A 403 23.18 11.56 12.62
N VAL A 404 23.03 12.73 11.98
CA VAL A 404 23.86 13.88 12.30
C VAL A 404 23.43 14.54 13.66
N PRO A 405 22.17 14.99 13.88
CA PRO A 405 21.86 15.67 15.17
C PRO A 405 22.05 14.80 16.42
N GLU A 406 21.76 13.48 16.32
CA GLU A 406 21.90 12.63 17.52
C GLU A 406 23.28 12.00 17.66
N PHE A 407 23.85 11.48 16.55
CA PHE A 407 25.10 10.71 16.55
C PHE A 407 26.35 11.47 16.05
N GLY A 408 26.15 12.69 15.57
CA GLY A 408 27.20 13.57 15.06
C GLY A 408 28.17 14.14 16.09
N PRO A 409 29.24 14.84 15.63
CA PRO A 409 30.27 15.35 16.58
C PRO A 409 29.76 16.33 17.64
N ASN A 410 28.68 17.05 17.34
CA ASN A 410 28.02 18.01 18.23
C ASN A 410 26.83 17.40 18.99
N GLY A 411 26.51 16.16 18.70
CA GLY A 411 25.36 15.46 19.29
C GLY A 411 25.57 14.87 20.66
N GLN A 412 24.47 14.49 21.30
CA GLN A 412 24.46 13.95 22.65
C GLN A 412 25.05 12.54 22.78
N VAL A 413 24.98 11.71 21.72
CA VAL A 413 25.57 10.35 21.80
C VAL A 413 27.10 10.42 22.02
N GLN A 414 27.75 11.36 21.33
CA GLN A 414 29.19 11.59 21.51
C GLN A 414 29.48 12.45 22.72
N LYS A 415 28.72 13.57 22.93
CA LYS A 415 29.03 14.52 24.02
C LYS A 415 28.58 14.13 25.40
N ARG A 416 27.39 13.53 25.51
CA ARG A 416 26.86 13.11 26.81
C ARG A 416 27.14 11.64 27.08
N TRP A 417 26.88 10.78 26.07
CA TRP A 417 26.98 9.33 26.21
C TRP A 417 28.33 8.68 25.91
N GLY A 418 29.33 9.50 25.58
CA GLY A 418 30.72 9.05 25.40
C GLY A 418 31.12 8.20 24.23
N TRP A 419 30.35 8.19 23.13
CA TRP A 419 30.78 7.45 21.94
C TRP A 419 32.03 8.13 21.37
N LYS A 420 33.12 7.38 21.26
CA LYS A 420 34.37 7.89 20.68
C LYS A 420 34.30 7.52 19.19
N ALA A 421 33.56 8.31 18.41
CA ALA A 421 33.34 8.03 16.98
C ALA A 421 34.65 8.13 16.18
N PRO A 422 34.84 7.25 15.18
CA PRO A 422 36.04 7.38 14.31
C PRO A 422 36.06 8.79 13.67
N ALA A 423 37.25 9.40 13.54
CA ALA A 423 37.42 10.72 12.94
C ALA A 423 36.75 10.81 11.55
N GLU A 424 36.86 9.72 10.75
CA GLU A 424 36.23 9.64 9.42
C GLU A 424 34.72 9.89 9.50
N PHE A 425 34.03 9.33 10.53
CA PHE A 425 32.58 9.51 10.71
C PHE A 425 32.24 10.99 10.90
N ASN A 426 32.96 11.67 11.81
CA ASN A 426 32.73 13.09 12.10
C ASN A 426 32.99 13.98 10.93
N GLU A 427 34.02 13.66 10.18
CA GLU A 427 34.38 14.36 8.96
C GLU A 427 33.22 14.25 7.90
N LEU A 428 32.61 13.03 7.75
CA LEU A 428 31.48 12.79 6.85
C LEU A 428 30.25 13.54 7.30
N CYS A 429 30.00 13.63 8.65
CA CYS A 429 28.86 14.39 9.17
C CYS A 429 28.93 15.83 8.69
N GLN A 430 30.12 16.42 8.77
CA GLN A 430 30.36 17.80 8.36
C GLN A 430 30.18 17.97 6.85
N LYS A 431 30.61 16.98 6.08
CA LYS A 431 30.51 17.02 4.64
C LYS A 431 29.04 16.98 4.21
N VAL A 432 28.23 16.00 4.75
CA VAL A 432 26.80 15.88 4.40
C VAL A 432 25.95 17.09 4.81
N THR A 433 26.40 17.82 5.85
CA THR A 433 25.71 19.03 6.35
C THR A 433 25.69 20.12 5.28
N VAL A 434 26.81 20.29 4.55
CA VAL A 434 27.00 21.38 3.59
C VAL A 434 26.81 21.02 2.12
N LEU A 435 26.93 19.73 1.75
CA LEU A 435 26.79 19.34 0.33
C LEU A 435 25.37 19.35 -0.20
N PRO A 436 25.15 19.65 -1.50
CA PRO A 436 23.80 19.47 -2.06
C PRO A 436 23.62 17.97 -2.40
N ASN A 437 22.38 17.53 -2.65
CA ASN A 437 22.16 16.13 -3.03
C ASN A 437 22.88 15.78 -4.33
N GLY A 438 23.34 14.54 -4.40
CA GLY A 438 24.08 14.02 -5.55
C GLY A 438 24.86 12.79 -5.14
N LYS A 439 25.62 12.23 -6.11
CA LYS A 439 26.41 11.02 -5.91
C LYS A 439 27.31 11.06 -4.65
N GLU A 440 28.09 12.14 -4.46
CA GLU A 440 29.02 12.27 -3.35
C GLU A 440 28.30 12.21 -2.00
N ARG A 441 27.23 13.01 -1.85
CA ARG A 441 26.45 13.07 -0.61
C ARG A 441 25.77 11.72 -0.32
N PHE A 442 25.18 11.09 -1.37
CA PHE A 442 24.52 9.79 -1.25
C PHE A 442 25.54 8.74 -0.77
N ASP A 443 26.72 8.67 -1.41
CA ASP A 443 27.78 7.73 -1.04
C ASP A 443 28.31 7.98 0.39
N ALA A 444 28.40 9.27 0.78
CA ALA A 444 28.84 9.66 2.12
C ALA A 444 27.90 9.11 3.20
N TYR A 445 26.54 9.20 3.00
CA TYR A 445 25.58 8.61 3.94
C TYR A 445 25.72 7.10 4.02
N ASN A 446 26.00 6.42 2.90
CA ASN A 446 26.17 4.97 2.96
C ASN A 446 27.40 4.57 3.75
N ARG A 447 28.48 5.38 3.67
CA ARG A 447 29.71 5.12 4.42
C ARG A 447 29.46 5.33 5.93
N MET A 448 28.70 6.39 6.28
CA MET A 448 28.34 6.71 7.67
C MET A 448 27.52 5.56 8.23
N ARG A 449 26.56 5.04 7.43
CA ARG A 449 25.73 3.89 7.80
C ARG A 449 26.59 2.65 8.11
N ASP A 450 27.60 2.37 7.27
CA ASP A 450 28.54 1.25 7.46
C ASP A 450 29.34 1.41 8.76
N ILE A 451 29.84 2.63 9.03
CA ILE A 451 30.61 2.92 10.26
C ILE A 451 29.71 2.74 11.49
N PHE A 452 28.46 3.26 11.41
CA PHE A 452 27.46 3.15 12.48
C PHE A 452 27.27 1.66 12.84
N GLU A 453 27.15 0.77 11.82
CA GLU A 453 27.01 -0.67 12.05
C GLU A 453 28.27 -1.30 12.63
N GLU A 454 29.48 -0.85 12.20
CA GLU A 454 30.75 -1.40 12.72
C GLU A 454 30.97 -0.96 14.19
N GLU A 455 30.53 0.24 14.55
CA GLU A 455 30.73 0.86 15.87
C GLU A 455 29.66 0.54 16.89
N ALA A 456 28.42 0.25 16.41
CA ALA A 456 27.25 -0.01 17.25
C ALA A 456 27.13 0.96 18.46
N PRO A 457 27.11 2.32 18.28
CA PRO A 457 26.85 3.19 19.45
C PRO A 457 25.37 3.05 19.91
N ALA A 458 24.53 2.50 19.03
CA ALA A 458 23.13 2.16 19.25
C ALA A 458 22.84 1.00 18.33
N VAL A 459 21.76 0.28 18.60
CA VAL A 459 21.37 -0.86 17.78
C VAL A 459 19.93 -0.61 17.37
N ILE A 460 19.70 -0.47 16.06
CA ILE A 460 18.39 -0.21 15.48
C ILE A 460 17.57 -1.50 15.53
N LEU A 461 16.36 -1.41 16.06
CA LEU A 461 15.51 -2.59 16.11
C LEU A 461 14.60 -2.63 14.90
N TYR A 462 13.68 -1.67 14.79
CA TYR A 462 12.68 -1.61 13.73
C TYR A 462 11.93 -0.28 13.74
N GLN A 463 11.18 -0.02 12.67
CA GLN A 463 10.24 1.08 12.55
C GLN A 463 8.98 0.51 13.19
N PRO A 464 8.45 1.09 14.28
CA PRO A 464 7.27 0.48 14.90
C PRO A 464 5.99 0.70 14.11
N TYR A 465 5.01 -0.20 14.27
CA TYR A 465 3.69 -0.04 13.69
C TYR A 465 2.90 0.56 14.84
N ASP A 466 2.66 1.87 14.77
CA ASP A 466 1.95 2.62 15.80
C ASP A 466 0.50 2.17 15.85
N VAL A 467 0.00 1.73 17.01
CA VAL A 467 -1.39 1.27 17.14
C VAL A 467 -2.21 2.18 18.08
N TYR A 468 -3.26 2.76 17.55
CA TYR A 468 -4.23 3.57 18.30
C TYR A 468 -5.55 2.79 18.31
N ALA A 469 -6.40 3.07 19.29
CA ALA A 469 -7.75 2.49 19.37
C ALA A 469 -8.70 3.63 19.68
N ALA A 470 -9.85 3.64 18.99
CA ALA A 470 -10.82 4.72 19.12
C ALA A 470 -12.25 4.26 18.98
N ARG A 471 -13.18 5.09 19.47
CA ARG A 471 -14.61 4.90 19.33
C ARG A 471 -14.87 5.11 17.85
N LYS A 472 -15.66 4.24 17.22
CA LYS A 472 -16.01 4.34 15.81
C LYS A 472 -16.64 5.71 15.46
N ASP A 473 -17.40 6.31 16.40
CA ASP A 473 -18.05 7.61 16.25
C ASP A 473 -17.09 8.83 16.31
N VAL A 474 -15.77 8.58 16.51
CA VAL A 474 -14.73 9.60 16.53
C VAL A 474 -13.91 9.36 15.25
N HIS A 475 -14.17 10.17 14.22
CA HIS A 475 -13.48 10.04 12.93
C HIS A 475 -12.15 10.79 12.97
N TRP A 476 -11.05 10.02 12.97
CA TRP A 476 -9.68 10.54 13.03
C TRP A 476 -8.74 9.49 12.45
N LYS A 477 -7.87 9.91 11.52
CA LYS A 477 -6.90 9.01 10.92
C LYS A 477 -5.48 9.27 11.41
N PRO A 478 -4.74 8.19 11.80
CA PRO A 478 -3.34 8.39 12.20
C PRO A 478 -2.49 8.85 11.03
N VAL A 479 -1.39 9.54 11.34
CA VAL A 479 -0.41 9.98 10.33
C VAL A 479 0.89 9.19 10.54
N SER A 480 1.78 9.14 9.53
CA SER A 480 3.03 8.36 9.58
C SER A 480 4.16 9.07 10.39
N PHE A 481 3.81 9.74 11.49
CA PHE A 481 4.77 10.43 12.36
C PHE A 481 4.30 10.34 13.80
N GLU A 482 5.22 10.55 14.77
CA GLU A 482 4.89 10.46 16.21
C GLU A 482 4.12 11.69 16.71
N MET A 483 2.95 11.93 16.11
CA MET A 483 2.07 13.05 16.42
C MET A 483 0.62 12.69 16.05
N MET A 484 -0.32 13.52 16.46
CA MET A 484 -1.72 13.36 16.13
C MET A 484 -2.13 14.64 15.41
N GLU A 485 -2.67 14.50 14.20
CA GLU A 485 -3.10 15.63 13.40
C GLU A 485 -4.62 15.69 13.44
N PHE A 486 -5.21 16.87 13.78
CA PHE A 486 -6.65 17.06 13.83
C PHE A 486 -7.18 18.05 12.78
N ARG A 487 -6.28 18.80 12.11
CA ARG A 487 -6.67 19.74 11.04
C ARG A 487 -7.24 18.95 9.84
N ASN A 488 -8.54 19.17 9.52
CA ASN A 488 -9.29 18.46 8.45
C ASN A 488 -9.20 16.95 8.71
N ASN A 489 -9.21 16.54 9.99
CA ASN A 489 -9.01 15.14 10.39
C ASN A 489 -9.58 14.82 11.79
N LEU A 490 -10.66 15.51 12.16
CA LEU A 490 -11.35 15.25 13.43
C LEU A 490 -12.79 15.68 13.29
N SER A 491 -13.70 14.71 13.42
CA SER A 491 -15.15 14.93 13.38
C SER A 491 -15.82 13.87 14.25
N PHE A 492 -17.01 14.19 14.76
CA PHE A 492 -17.75 13.29 15.65
C PHE A 492 -19.09 12.92 15.04
N GLY A 493 -19.41 11.62 15.07
CA GLY A 493 -20.66 11.07 14.54
C GLY A 493 -21.85 11.31 15.43
N ARG B 4 -35.07 1.53 -1.87
CA ARG B 4 -33.69 1.46 -2.35
C ARG B 4 -33.53 2.14 -3.71
N ARG B 5 -32.35 2.74 -3.91
CA ARG B 5 -32.03 3.45 -5.14
C ARG B 5 -31.59 2.49 -6.24
N ALA B 6 -31.93 2.81 -7.50
CA ALA B 6 -31.57 2.07 -8.71
C ALA B 6 -30.16 2.49 -9.13
N LEU B 7 -29.27 1.51 -9.37
CA LEU B 7 -27.90 1.77 -9.75
C LEU B 7 -27.75 1.85 -11.28
N ARG B 8 -27.19 2.97 -11.77
CA ARG B 8 -27.01 3.23 -13.21
C ARG B 8 -25.52 3.20 -13.51
N LEU B 9 -25.09 2.20 -14.27
CA LEU B 9 -23.68 2.06 -14.63
C LEU B 9 -23.41 2.35 -16.11
N GLY B 10 -22.44 3.22 -16.37
CA GLY B 10 -21.96 3.54 -17.71
C GLY B 10 -20.77 2.64 -17.99
N VAL B 11 -20.92 1.66 -18.90
CA VAL B 11 -19.88 0.65 -19.17
C VAL B 11 -19.19 0.76 -20.55
N ASN B 12 -17.96 0.20 -20.67
CA ASN B 12 -17.16 0.19 -21.89
C ASN B 12 -17.71 -0.79 -22.92
N GLY B 13 -18.43 -1.81 -22.45
CA GLY B 13 -19.02 -2.83 -23.30
C GLY B 13 -19.88 -3.83 -22.56
N LEU B 14 -20.52 -4.70 -23.35
CA LEU B 14 -21.39 -5.75 -22.82
C LEU B 14 -21.02 -7.09 -23.43
N PRO B 15 -21.18 -8.20 -22.67
CA PRO B 15 -20.89 -9.52 -23.25
C PRO B 15 -21.97 -9.89 -24.26
N ASN B 16 -21.64 -10.82 -25.18
CA ASN B 16 -22.59 -11.33 -26.17
C ASN B 16 -23.58 -12.29 -25.52
N SER B 17 -23.21 -12.89 -24.37
CA SER B 17 -24.05 -13.84 -23.65
C SER B 17 -23.91 -13.69 -22.13
N LEU B 18 -24.98 -14.00 -21.38
CA LEU B 18 -24.93 -14.02 -19.91
C LEU B 18 -24.73 -15.44 -19.37
N GLU B 19 -24.47 -16.42 -20.29
CA GLU B 19 -24.12 -17.80 -19.90
C GLU B 19 -22.76 -17.56 -19.19
N PRO B 20 -22.59 -17.93 -17.88
CA PRO B 20 -21.41 -17.45 -17.14
C PRO B 20 -20.03 -17.73 -17.67
N VAL B 21 -19.81 -18.90 -18.29
CA VAL B 21 -18.52 -19.23 -18.89
C VAL B 21 -18.33 -18.44 -20.20
N ASN B 22 -19.35 -18.42 -21.09
CA ASN B 22 -19.31 -17.66 -22.35
C ASN B 22 -19.17 -16.14 -22.09
N ALA B 23 -19.64 -15.66 -20.92
CA ALA B 23 -19.51 -14.22 -20.56
C ALA B 23 -18.07 -13.85 -20.14
N ILE B 24 -17.15 -14.82 -19.99
CA ILE B 24 -15.76 -14.52 -19.55
C ILE B 24 -15.10 -13.51 -20.51
N SER B 25 -14.77 -12.35 -19.97
CA SER B 25 -14.21 -11.20 -20.67
C SER B 25 -13.97 -10.11 -19.62
N ASN B 26 -13.55 -8.92 -20.06
CA ASN B 26 -13.41 -7.78 -19.15
C ASN B 26 -14.81 -7.21 -18.78
N VAL B 27 -15.85 -7.50 -19.58
CA VAL B 27 -17.19 -6.90 -19.42
C VAL B 27 -18.32 -7.76 -18.86
N GLY B 28 -18.18 -9.08 -18.95
CA GLY B 28 -19.17 -10.05 -18.48
C GLY B 28 -19.21 -10.27 -16.98
N PRO B 29 -18.05 -10.52 -16.29
CA PRO B 29 -18.06 -10.78 -14.82
C PRO B 29 -18.75 -9.76 -13.96
N ARG B 30 -18.66 -8.45 -14.29
CA ARG B 30 -19.33 -7.40 -13.51
C ARG B 30 -20.87 -7.56 -13.50
N ILE B 31 -21.41 -8.31 -14.49
CA ILE B 31 -22.84 -8.65 -14.60
C ILE B 31 -23.10 -10.04 -14.01
N VAL B 32 -22.37 -11.07 -14.51
CA VAL B 32 -22.63 -12.46 -14.07
C VAL B 32 -22.31 -12.72 -12.60
N ASN B 33 -21.39 -11.94 -12.00
CA ASN B 33 -21.08 -12.03 -10.57
C ASN B 33 -22.34 -11.71 -9.74
N GLN B 34 -23.27 -10.92 -10.30
CA GLN B 34 -24.51 -10.51 -9.61
C GLN B 34 -25.61 -11.58 -9.73
N ILE B 35 -25.73 -12.23 -10.90
CA ILE B 35 -26.75 -13.24 -11.20
C ILE B 35 -26.45 -14.57 -10.52
N PHE B 36 -25.16 -14.92 -10.41
CA PHE B 36 -24.73 -16.22 -9.92
C PHE B 36 -23.85 -16.21 -8.66
N ASP B 37 -23.66 -17.40 -8.09
CA ASP B 37 -22.74 -17.66 -6.98
C ASP B 37 -21.82 -18.83 -7.37
N THR B 38 -20.70 -18.96 -6.64
CA THR B 38 -19.75 -20.07 -6.78
C THR B 38 -19.84 -20.90 -5.49
N LEU B 39 -19.21 -22.09 -5.44
CA LEU B 39 -19.19 -22.94 -4.24
C LEU B 39 -18.27 -22.32 -3.16
N ILE B 40 -17.16 -21.74 -3.60
CA ILE B 40 -16.14 -21.05 -2.80
C ILE B 40 -16.03 -19.64 -3.37
N ALA B 41 -16.06 -18.62 -2.50
CA ALA B 41 -15.93 -17.22 -2.93
C ALA B 41 -14.66 -16.61 -2.37
N ARG B 42 -14.15 -15.61 -3.08
CA ARG B 42 -12.98 -14.86 -2.64
C ARG B 42 -13.45 -13.63 -1.87
N ASP B 43 -12.88 -13.43 -0.67
CA ASP B 43 -13.19 -12.25 0.13
C ASP B 43 -12.04 -11.25 -0.11
N PHE B 44 -12.23 -10.34 -1.08
CA PHE B 44 -11.24 -9.33 -1.45
C PHE B 44 -10.97 -8.33 -0.31
N PHE B 45 -11.92 -8.16 0.61
CA PHE B 45 -11.78 -7.19 1.70
C PHE B 45 -11.39 -7.79 3.07
N ALA B 46 -11.04 -9.10 3.11
CA ALA B 46 -10.65 -9.81 4.33
C ALA B 46 -9.46 -9.15 5.07
N LYS B 47 -9.57 -9.03 6.41
CA LYS B 47 -8.60 -8.42 7.32
C LYS B 47 -8.29 -6.94 6.95
N GLY B 48 -9.33 -6.23 6.52
CA GLY B 48 -9.25 -4.84 6.10
C GLY B 48 -8.42 -4.53 4.87
N ALA B 49 -8.22 -5.54 3.98
CA ALA B 49 -7.44 -5.36 2.75
C ALA B 49 -8.15 -4.40 1.77
N PRO B 50 -7.40 -3.57 1.00
CA PRO B 50 -8.05 -2.65 0.06
C PRO B 50 -8.56 -3.30 -1.24
N GLY B 51 -9.40 -4.34 -1.11
CA GLY B 51 -9.96 -5.05 -2.26
C GLY B 51 -9.04 -5.99 -2.98
N ASN B 52 -7.93 -6.42 -2.34
CA ASN B 52 -6.96 -7.31 -2.97
C ASN B 52 -6.62 -8.62 -2.20
N ALA B 53 -7.34 -8.92 -1.09
CA ALA B 53 -7.12 -10.14 -0.31
C ALA B 53 -7.34 -11.42 -1.12
N ILE B 54 -6.56 -12.48 -0.83
CA ILE B 54 -6.63 -13.78 -1.52
C ILE B 54 -7.47 -14.85 -0.78
N ASP B 55 -8.04 -14.50 0.38
CA ASP B 55 -8.82 -15.35 1.26
C ASP B 55 -10.05 -15.97 0.58
N LEU B 56 -10.20 -17.30 0.73
CA LEU B 56 -11.32 -18.08 0.23
C LEU B 56 -12.29 -18.39 1.37
N VAL B 57 -13.57 -18.07 1.15
CA VAL B 57 -14.62 -18.29 2.15
C VAL B 57 -15.74 -19.19 1.60
N PRO B 58 -16.49 -19.91 2.48
CA PRO B 58 -17.62 -20.72 1.98
C PRO B 58 -18.66 -19.81 1.31
N ALA B 59 -19.33 -20.34 0.28
CA ALA B 59 -20.39 -19.63 -0.41
C ALA B 59 -21.49 -20.65 -0.63
N LEU B 60 -21.70 -21.19 -1.85
CA LEU B 60 -22.74 -22.22 -2.05
C LEU B 60 -22.39 -23.54 -1.34
N ALA B 61 -21.10 -23.80 -1.13
CA ALA B 61 -20.67 -24.95 -0.34
C ALA B 61 -20.40 -24.40 1.07
N GLU B 62 -20.96 -25.04 2.09
CA GLU B 62 -20.77 -24.66 3.50
C GLU B 62 -19.41 -25.12 3.96
N SER B 63 -18.96 -26.26 3.40
CA SER B 63 -17.68 -26.88 3.70
C SER B 63 -17.23 -27.76 2.55
N TRP B 64 -15.94 -28.08 2.56
CA TRP B 64 -15.32 -28.94 1.56
C TRP B 64 -14.05 -29.51 2.12
N GLU B 65 -13.65 -30.65 1.58
CA GLU B 65 -12.39 -31.28 1.92
C GLU B 65 -11.87 -32.12 0.77
N ARG B 66 -10.60 -31.96 0.51
CA ARG B 66 -9.89 -32.71 -0.53
C ARG B 66 -9.76 -34.14 0.02
N ILE B 67 -10.10 -35.13 -0.82
CA ILE B 67 -10.09 -36.56 -0.50
C ILE B 67 -8.73 -37.14 -0.85
N ASP B 68 -8.23 -36.80 -2.04
CA ASP B 68 -6.93 -37.25 -2.56
C ASP B 68 -6.41 -36.26 -3.62
N GLU B 69 -5.36 -36.64 -4.39
CA GLU B 69 -4.75 -35.80 -5.44
C GLU B 69 -5.72 -35.49 -6.62
N LYS B 70 -6.87 -36.20 -6.72
CA LYS B 70 -7.81 -36.10 -7.83
C LYS B 70 -9.25 -35.69 -7.45
N SER B 71 -9.58 -35.51 -6.17
CA SER B 71 -10.98 -35.22 -5.83
C SER B 71 -11.18 -34.40 -4.58
N VAL B 72 -12.24 -33.56 -4.62
CA VAL B 72 -12.65 -32.68 -3.52
C VAL B 72 -14.17 -32.88 -3.30
N ARG B 73 -14.58 -33.16 -2.04
CA ARG B 73 -15.98 -33.36 -1.66
C ARG B 73 -16.55 -32.07 -1.07
N PHE B 74 -17.70 -31.63 -1.59
CA PHE B 74 -18.40 -30.41 -1.19
C PHE B 74 -19.72 -30.71 -0.49
N LYS B 75 -19.95 -30.03 0.65
CA LYS B 75 -21.21 -30.12 1.40
C LYS B 75 -21.90 -28.79 1.12
N LEU B 76 -23.08 -28.86 0.49
CA LEU B 76 -23.79 -27.66 0.02
C LEU B 76 -24.66 -27.01 1.04
N ARG B 77 -24.83 -25.69 0.88
CA ARG B 77 -25.74 -24.90 1.70
C ARG B 77 -27.15 -25.37 1.31
N GLN B 78 -27.99 -25.60 2.30
CA GLN B 78 -29.35 -26.13 2.11
C GLN B 78 -30.37 -25.00 1.98
N LYS B 79 -31.51 -25.29 1.32
CA LYS B 79 -32.63 -24.38 1.08
C LYS B 79 -32.27 -23.10 0.29
N VAL B 80 -31.18 -23.17 -0.50
CA VAL B 80 -30.76 -22.07 -1.39
C VAL B 80 -31.67 -22.19 -2.60
N MET B 81 -32.25 -21.07 -3.02
CA MET B 81 -33.19 -21.04 -4.14
CA MET B 81 -33.17 -21.07 -4.14
C MET B 81 -32.62 -20.34 -5.37
N PHE B 82 -32.89 -20.92 -6.57
CA PHE B 82 -32.57 -20.29 -7.85
C PHE B 82 -33.67 -19.22 -8.00
N HIS B 83 -33.45 -18.22 -8.89
CA HIS B 83 -34.39 -17.11 -9.13
C HIS B 83 -35.83 -17.50 -9.50
N ASP B 84 -36.02 -18.73 -10.01
CA ASP B 84 -37.35 -19.24 -10.38
C ASP B 84 -38.00 -20.06 -9.24
N GLY B 85 -37.42 -19.99 -8.04
CA GLY B 85 -37.91 -20.71 -6.86
C GLY B 85 -37.48 -22.16 -6.73
N VAL B 86 -36.71 -22.68 -7.71
CA VAL B 86 -36.20 -24.06 -7.70
C VAL B 86 -35.04 -24.16 -6.69
N GLU B 87 -35.08 -25.16 -5.80
CA GLU B 87 -34.03 -25.34 -4.80
C GLU B 87 -32.74 -25.88 -5.41
N LEU B 88 -31.60 -25.27 -5.03
CA LEU B 88 -30.27 -25.71 -5.45
C LEU B 88 -29.94 -27.05 -4.78
N THR B 89 -29.52 -28.04 -5.58
CA THR B 89 -29.14 -29.36 -5.05
C THR B 89 -27.82 -29.77 -5.69
N ALA B 90 -27.27 -30.93 -5.25
CA ALA B 90 -26.05 -31.51 -5.81
C ALA B 90 -26.18 -31.76 -7.32
N ASP B 91 -27.41 -32.02 -7.83
CA ASP B 91 -27.67 -32.22 -9.27
C ASP B 91 -27.28 -31.00 -10.13
N ASP B 92 -27.56 -29.79 -9.64
CA ASP B 92 -27.22 -28.53 -10.32
C ASP B 92 -25.71 -28.33 -10.34
N VAL B 93 -25.02 -28.65 -9.23
CA VAL B 93 -23.56 -28.56 -9.12
C VAL B 93 -22.91 -29.58 -10.04
N ALA B 94 -23.39 -30.83 -10.01
CA ALA B 94 -22.88 -31.92 -10.86
C ALA B 94 -23.07 -31.54 -12.33
N TYR B 95 -24.23 -30.92 -12.68
CA TYR B 95 -24.50 -30.48 -14.03
C TYR B 95 -23.54 -29.36 -14.47
N THR B 96 -23.33 -28.34 -13.61
CA THR B 96 -22.41 -27.22 -13.85
C THR B 96 -21.02 -27.75 -14.28
N PHE B 97 -20.54 -28.82 -13.61
CA PHE B 97 -19.21 -29.38 -13.90
C PHE B 97 -19.24 -30.68 -14.72
N SER B 98 -20.33 -30.89 -15.48
CA SER B 98 -20.51 -32.12 -16.24
C SER B 98 -19.80 -32.14 -17.59
N SER B 99 -19.65 -33.35 -18.14
CA SER B 99 -19.09 -33.57 -19.48
C SER B 99 -20.01 -32.91 -20.53
N GLU B 100 -21.33 -33.15 -20.48
CA GLU B 100 -22.24 -32.59 -21.48
C GLU B 100 -22.35 -31.05 -21.49
N ARG B 101 -22.20 -30.42 -20.33
CA ARG B 101 -22.37 -28.97 -20.22
C ARG B 101 -21.10 -28.19 -20.40
N LEU B 102 -20.01 -28.64 -19.78
CA LEU B 102 -18.76 -27.88 -19.73
C LEU B 102 -17.56 -28.34 -20.54
N TRP B 103 -17.04 -29.53 -20.23
CA TRP B 103 -15.74 -29.95 -20.75
C TRP B 103 -15.71 -31.12 -21.72
N GLY B 104 -16.82 -31.83 -21.81
CA GLY B 104 -16.93 -33.03 -22.63
C GLY B 104 -17.27 -32.81 -24.08
N PRO B 105 -17.35 -33.93 -24.84
CA PRO B 105 -17.65 -33.84 -26.27
C PRO B 105 -18.91 -33.05 -26.65
N GLU B 106 -19.99 -33.19 -25.85
CA GLU B 106 -21.26 -32.52 -26.13
C GLU B 106 -21.27 -31.03 -25.86
N ALA B 107 -20.31 -30.51 -25.06
CA ALA B 107 -20.24 -29.11 -24.67
C ALA B 107 -19.57 -28.19 -25.67
N ILE B 108 -18.86 -28.75 -26.64
CA ILE B 108 -18.04 -27.98 -27.58
C ILE B 108 -18.72 -26.83 -28.34
N LYS B 109 -19.95 -27.04 -28.81
CA LYS B 109 -20.68 -26.01 -29.55
C LYS B 109 -21.45 -25.08 -28.61
N LYS B 110 -21.63 -25.52 -27.36
CA LYS B 110 -22.35 -24.77 -26.32
C LYS B 110 -21.43 -23.74 -25.67
N ILE B 111 -20.24 -24.22 -25.20
CA ILE B 111 -19.21 -23.46 -24.51
C ILE B 111 -17.90 -23.74 -25.26
N PRO B 112 -17.62 -22.92 -26.32
CA PRO B 112 -16.45 -23.19 -27.18
C PRO B 112 -15.09 -23.27 -26.47
N LEU B 113 -14.95 -22.54 -25.35
CA LEU B 113 -13.71 -22.58 -24.59
C LEU B 113 -13.79 -23.43 -23.29
N GLY B 114 -14.92 -24.12 -23.11
CA GLY B 114 -15.21 -24.93 -21.92
C GLY B 114 -14.14 -25.94 -21.63
N LYS B 115 -13.81 -26.77 -22.62
CA LYS B 115 -12.78 -27.79 -22.47
C LYS B 115 -11.37 -27.17 -22.23
N SER B 116 -10.97 -26.23 -23.09
CA SER B 116 -9.66 -25.59 -22.99
C SER B 116 -9.43 -24.83 -21.67
N TYR B 117 -10.48 -24.24 -21.09
CA TYR B 117 -10.40 -23.51 -19.82
C TYR B 117 -10.60 -24.35 -18.55
N SER B 118 -11.07 -25.57 -18.70
CA SER B 118 -11.35 -26.42 -17.55
C SER B 118 -10.15 -27.31 -17.19
N LEU B 119 -10.19 -27.85 -15.98
CA LEU B 119 -9.25 -28.85 -15.50
C LEU B 119 -9.58 -30.16 -16.23
N ASP B 120 -8.73 -31.19 -16.07
CA ASP B 120 -8.97 -32.50 -16.70
C ASP B 120 -10.07 -33.28 -15.91
N PHE B 121 -11.29 -32.74 -15.90
CA PHE B 121 -12.38 -33.33 -15.11
C PHE B 121 -12.87 -34.71 -15.50
N ASP B 122 -13.35 -35.43 -14.49
CA ASP B 122 -14.10 -36.66 -14.69
C ASP B 122 -15.52 -36.26 -14.27
N GLU B 123 -16.52 -37.09 -14.54
CA GLU B 123 -17.90 -36.73 -14.19
C GLU B 123 -18.09 -36.56 -12.67
N PRO B 124 -18.68 -35.43 -12.20
CA PRO B 124 -18.92 -35.28 -10.75
C PRO B 124 -19.76 -36.44 -10.18
N VAL B 125 -19.59 -36.72 -8.89
CA VAL B 125 -20.32 -37.79 -8.21
C VAL B 125 -21.26 -37.19 -7.16
N VAL B 126 -22.57 -37.40 -7.35
CA VAL B 126 -23.61 -36.94 -6.41
C VAL B 126 -23.71 -38.00 -5.30
N GLU B 127 -23.35 -37.65 -4.06
CA GLU B 127 -23.42 -38.60 -2.93
C GLU B 127 -24.87 -38.61 -2.41
N ASP B 128 -25.41 -37.42 -2.14
CA ASP B 128 -26.79 -37.20 -1.71
C ASP B 128 -27.27 -35.83 -2.17
N LYS B 129 -28.49 -35.43 -1.74
CA LYS B 129 -29.09 -34.14 -2.12
C LYS B 129 -28.15 -32.91 -2.00
N TYR B 130 -27.33 -32.84 -0.92
CA TYR B 130 -26.44 -31.70 -0.67
C TYR B 130 -24.94 -32.07 -0.62
N THR B 131 -24.56 -33.21 -1.22
CA THR B 131 -23.17 -33.67 -1.25
C THR B 131 -22.78 -34.06 -2.65
N VAL B 132 -21.68 -33.46 -3.13
CA VAL B 132 -21.14 -33.68 -4.46
C VAL B 132 -19.60 -33.71 -4.42
N THR B 133 -19.02 -34.67 -5.14
CA THR B 133 -17.57 -34.76 -5.28
C THR B 133 -17.22 -34.36 -6.70
N LEU B 134 -16.30 -33.40 -6.83
CA LEU B 134 -15.75 -32.97 -8.11
C LEU B 134 -14.41 -33.66 -8.24
N ARG B 135 -14.15 -34.25 -9.40
CA ARG B 135 -12.92 -35.01 -9.58
C ARG B 135 -12.27 -34.79 -10.92
N THR B 136 -10.96 -35.12 -10.99
CA THR B 136 -10.16 -35.03 -12.20
C THR B 136 -9.63 -36.43 -12.55
N LYS B 137 -9.45 -36.70 -13.84
CA LYS B 137 -8.95 -37.98 -14.36
C LYS B 137 -7.45 -38.20 -14.03
N THR B 138 -6.70 -37.11 -13.93
CA THR B 138 -5.25 -37.08 -13.60
C THR B 138 -5.07 -36.23 -12.35
N PRO B 139 -3.95 -36.31 -11.59
CA PRO B 139 -3.81 -35.45 -10.40
C PRO B 139 -3.98 -33.95 -10.71
N SER B 140 -4.70 -33.24 -9.84
CA SER B 140 -4.87 -31.80 -9.93
C SER B 140 -4.96 -31.20 -8.55
N TYR B 141 -4.02 -30.31 -8.26
CA TYR B 141 -3.97 -29.59 -6.99
C TYR B 141 -4.59 -28.18 -7.17
N LEU B 142 -5.39 -28.01 -8.23
CA LEU B 142 -6.02 -26.74 -8.59
C LEU B 142 -7.55 -26.73 -8.46
N ILE B 143 -8.17 -27.84 -8.02
CA ILE B 143 -9.64 -27.94 -7.92
C ILE B 143 -10.22 -26.78 -7.10
N GLU B 144 -9.65 -26.50 -5.91
CA GLU B 144 -10.12 -25.45 -5.00
C GLU B 144 -10.09 -24.05 -5.65
N THR B 145 -8.96 -23.64 -6.23
CA THR B 145 -8.88 -22.34 -6.91
C THR B 145 -9.80 -22.25 -8.14
N PHE B 146 -9.96 -23.37 -8.88
CA PHE B 146 -10.82 -23.40 -10.05
C PHE B 146 -12.27 -23.18 -9.61
N VAL B 147 -12.68 -23.82 -8.52
CA VAL B 147 -14.06 -23.75 -7.97
CA VAL B 147 -14.07 -23.71 -8.05
C VAL B 147 -14.41 -22.33 -7.49
N ALA B 148 -13.39 -21.55 -7.10
CA ALA B 148 -13.57 -20.19 -6.62
C ALA B 148 -13.54 -19.19 -7.83
N SER B 149 -13.24 -19.70 -9.04
CA SER B 149 -13.04 -18.86 -10.20
C SER B 149 -14.31 -18.52 -10.99
N TRP B 150 -14.14 -17.65 -12.01
CA TRP B 150 -15.20 -17.28 -12.95
C TRP B 150 -15.67 -18.43 -13.88
N MET B 151 -14.97 -19.59 -13.86
CA MET B 151 -15.35 -20.76 -14.65
C MET B 151 -16.44 -21.54 -13.90
N SER B 152 -16.61 -21.26 -12.59
CA SER B 152 -17.40 -22.08 -11.70
C SER B 152 -18.70 -21.59 -11.11
N ARG B 153 -19.33 -20.61 -11.78
CA ARG B 153 -20.65 -20.12 -11.36
C ARG B 153 -21.69 -21.23 -11.58
N ILE B 154 -22.53 -21.48 -10.57
CA ILE B 154 -23.51 -22.56 -10.55
C ILE B 154 -24.78 -22.25 -11.34
N VAL B 155 -25.07 -23.10 -12.33
CA VAL B 155 -26.24 -23.04 -13.21
C VAL B 155 -27.31 -24.08 -12.83
N PRO B 156 -28.62 -23.81 -13.05
CA PRO B 156 -29.65 -24.81 -12.73
C PRO B 156 -29.78 -25.85 -13.85
N LYS B 157 -29.68 -27.13 -13.50
CA LYS B 157 -29.74 -28.21 -14.48
C LYS B 157 -30.98 -28.19 -15.39
N GLU B 158 -32.18 -28.35 -14.80
CA GLU B 158 -33.43 -28.44 -15.56
C GLU B 158 -33.67 -27.29 -16.52
N TYR B 159 -33.63 -26.06 -15.98
CA TYR B 159 -33.85 -24.81 -16.71
C TYR B 159 -32.83 -24.62 -17.85
N TYR B 160 -31.51 -24.78 -17.54
CA TYR B 160 -30.43 -24.65 -18.52
C TYR B 160 -30.60 -25.69 -19.65
N LYS B 161 -30.92 -26.95 -19.31
CA LYS B 161 -31.12 -28.02 -20.30
C LYS B 161 -32.28 -27.70 -21.23
N LYS B 162 -33.41 -27.22 -20.67
CA LYS B 162 -34.63 -26.89 -21.40
C LYS B 162 -34.37 -25.73 -22.37
N LEU B 163 -33.66 -24.70 -21.92
CA LEU B 163 -33.39 -23.53 -22.76
C LEU B 163 -32.29 -23.78 -23.80
N GLY B 164 -31.25 -24.49 -23.39
CA GLY B 164 -30.04 -24.65 -24.18
C GLY B 164 -29.14 -23.49 -23.85
N ALA B 165 -27.82 -23.66 -24.01
CA ALA B 165 -26.83 -22.64 -23.67
C ALA B 165 -27.07 -21.25 -24.30
N VAL B 166 -27.53 -21.20 -25.57
CA VAL B 166 -27.78 -19.92 -26.25
C VAL B 166 -28.95 -19.16 -25.63
N ASP B 167 -30.12 -19.81 -25.49
CA ASP B 167 -31.30 -19.17 -24.88
C ASP B 167 -31.04 -18.86 -23.40
N PHE B 168 -30.29 -19.75 -22.69
CA PHE B 168 -29.93 -19.52 -21.28
C PHE B 168 -29.12 -18.20 -21.16
N GLY B 169 -28.22 -17.98 -22.11
CA GLY B 169 -27.40 -16.76 -22.15
C GLY B 169 -28.21 -15.50 -22.37
N ASN B 170 -29.45 -15.63 -22.89
CA ASN B 170 -30.34 -14.49 -23.10
C ASN B 170 -31.37 -14.34 -22.00
N LYS B 171 -31.52 -15.38 -21.14
CA LYS B 171 -32.49 -15.36 -20.05
C LYS B 171 -31.91 -16.18 -18.88
N PRO B 172 -30.80 -15.70 -18.27
CA PRO B 172 -30.15 -16.50 -17.21
C PRO B 172 -30.90 -16.57 -15.91
N VAL B 173 -30.75 -17.71 -15.22
CA VAL B 173 -31.31 -17.95 -13.90
C VAL B 173 -30.15 -18.45 -13.03
N GLY B 174 -29.92 -17.77 -11.91
CA GLY B 174 -28.87 -18.14 -10.97
C GLY B 174 -29.36 -18.10 -9.55
N THR B 175 -28.41 -18.13 -8.58
CA THR B 175 -28.72 -18.05 -7.15
C THR B 175 -28.28 -16.70 -6.57
N GLY B 176 -27.66 -15.86 -7.41
CA GLY B 176 -27.10 -14.57 -7.02
C GLY B 176 -28.00 -13.51 -6.40
N PRO B 177 -27.35 -12.44 -5.85
CA PRO B 177 -28.14 -11.36 -5.20
C PRO B 177 -29.02 -10.53 -6.13
N TYR B 178 -28.81 -10.65 -7.45
CA TYR B 178 -29.59 -9.91 -8.43
C TYR B 178 -30.07 -10.85 -9.52
N LYS B 179 -31.32 -10.66 -9.95
CA LYS B 179 -31.89 -11.51 -10.97
C LYS B 179 -32.12 -10.75 -12.27
N PHE B 180 -32.18 -11.49 -13.38
CA PHE B 180 -32.34 -10.97 -14.72
C PHE B 180 -33.70 -10.28 -15.00
N VAL B 181 -33.64 -9.10 -15.64
CA VAL B 181 -34.82 -8.34 -16.06
C VAL B 181 -34.86 -8.32 -17.59
N GLU B 182 -33.84 -7.73 -18.23
CA GLU B 182 -33.75 -7.62 -19.69
C GLU B 182 -32.33 -7.50 -20.21
N PHE B 183 -32.19 -7.81 -21.50
CA PHE B 183 -30.95 -7.75 -22.24
C PHE B 183 -31.26 -7.33 -23.67
N VAL B 184 -30.90 -6.10 -23.99
CA VAL B 184 -31.05 -5.48 -25.31
C VAL B 184 -29.63 -5.55 -25.91
N ALA B 185 -29.42 -6.50 -26.86
CA ALA B 185 -28.13 -6.79 -27.50
C ALA B 185 -27.37 -5.53 -27.92
N GLY B 186 -26.15 -5.41 -27.40
CA GLY B 186 -25.26 -4.27 -27.64
C GLY B 186 -25.79 -2.94 -27.14
N ASP B 187 -26.64 -2.93 -26.10
CA ASP B 187 -27.19 -1.68 -25.54
C ASP B 187 -27.23 -1.62 -24.01
N ARG B 188 -27.99 -2.54 -23.38
CA ARG B 188 -28.13 -2.60 -21.92
C ARG B 188 -28.51 -3.95 -21.34
N VAL B 189 -28.12 -4.16 -20.09
CA VAL B 189 -28.48 -5.30 -19.28
C VAL B 189 -29.10 -4.71 -18.03
N VAL B 190 -30.32 -5.15 -17.70
CA VAL B 190 -31.05 -4.71 -16.53
C VAL B 190 -31.26 -5.91 -15.61
N LEU B 191 -30.88 -5.73 -14.33
CA LEU B 191 -31.06 -6.69 -13.26
C LEU B 191 -31.87 -6.04 -12.15
N GLU B 192 -32.54 -6.85 -11.33
CA GLU B 192 -33.29 -6.35 -10.17
C GLU B 192 -32.91 -7.16 -8.95
N ALA B 193 -33.10 -6.56 -7.76
CA ALA B 193 -32.77 -7.19 -6.49
C ALA B 193 -33.43 -8.57 -6.35
N ASN B 194 -32.66 -9.57 -5.93
CA ASN B 194 -33.21 -10.90 -5.62
C ASN B 194 -33.37 -10.82 -4.10
N ASP B 195 -34.54 -10.44 -3.67
CA ASP B 195 -34.79 -10.29 -2.23
C ASP B 195 -34.84 -11.63 -1.44
N ALA B 196 -34.94 -12.77 -2.16
CA ALA B 196 -34.90 -14.14 -1.62
C ALA B 196 -33.45 -14.69 -1.48
N TYR B 197 -32.42 -13.82 -1.69
CA TYR B 197 -31.00 -14.21 -1.64
C TYR B 197 -30.56 -14.81 -0.31
N TRP B 198 -29.77 -15.90 -0.37
CA TRP B 198 -29.25 -16.62 0.82
C TRP B 198 -28.17 -15.82 1.60
N GLY B 199 -27.44 -14.94 0.93
CA GLY B 199 -26.37 -14.18 1.57
C GLY B 199 -26.73 -12.76 1.93
N PRO B 200 -25.72 -11.82 2.03
CA PRO B 200 -26.05 -10.42 2.37
C PRO B 200 -27.04 -9.86 1.35
N LYS B 201 -28.16 -9.30 1.84
CA LYS B 201 -29.27 -8.80 1.02
C LYS B 201 -28.87 -7.70 0.03
N PRO B 202 -29.37 -7.75 -1.24
CA PRO B 202 -29.05 -6.70 -2.21
C PRO B 202 -29.46 -5.31 -1.72
N THR B 203 -28.58 -4.32 -1.89
CA THR B 203 -28.84 -2.94 -1.43
C THR B 203 -29.38 -2.01 -2.53
N ALA B 204 -29.34 -2.43 -3.81
CA ALA B 204 -29.88 -1.63 -4.91
C ALA B 204 -31.16 -2.29 -5.39
N SER B 205 -32.19 -1.49 -5.70
CA SER B 205 -33.48 -2.01 -6.16
C SER B 205 -33.34 -2.59 -7.58
N LYS B 206 -32.50 -1.95 -8.40
CA LYS B 206 -32.26 -2.29 -9.80
C LYS B 206 -30.82 -1.92 -10.19
N ILE B 207 -30.24 -2.66 -11.15
CA ILE B 207 -28.91 -2.39 -11.70
C ILE B 207 -29.02 -2.35 -13.24
N THR B 208 -28.67 -1.20 -13.83
CA THR B 208 -28.65 -1.05 -15.29
C THR B 208 -27.19 -0.88 -15.75
N TYR B 209 -26.75 -1.73 -16.70
CA TYR B 209 -25.43 -1.66 -17.33
C TYR B 209 -25.68 -1.10 -18.71
N GLN B 210 -25.40 0.20 -18.89
CA GLN B 210 -25.61 0.90 -20.15
C GLN B 210 -24.30 1.05 -20.90
N ILE B 211 -24.24 0.52 -22.14
CA ILE B 211 -23.05 0.66 -22.97
C ILE B 211 -22.87 2.13 -23.41
N VAL B 212 -21.65 2.66 -23.22
CA VAL B 212 -21.21 4.00 -23.61
C VAL B 212 -19.79 3.74 -24.10
N ALA B 213 -19.69 3.33 -25.38
CA ALA B 213 -18.43 2.92 -26.02
C ALA B 213 -17.32 3.97 -25.97
N GLU B 214 -17.66 5.26 -26.19
CA GLU B 214 -16.68 6.35 -26.18
C GLU B 214 -16.40 6.77 -24.74
N PRO B 215 -15.14 6.69 -24.25
CA PRO B 215 -14.86 7.10 -22.85
C PRO B 215 -15.20 8.55 -22.51
N ALA B 216 -15.09 9.47 -23.48
CA ALA B 216 -15.44 10.90 -23.27
C ALA B 216 -16.94 11.06 -22.97
N THR B 217 -17.80 10.35 -23.73
CA THR B 217 -19.26 10.35 -23.57
C THR B 217 -19.66 9.77 -22.18
N ARG B 218 -18.88 8.78 -21.68
CA ARG B 218 -19.08 8.15 -20.37
C ARG B 218 -18.83 9.18 -19.26
N VAL B 219 -17.68 9.90 -19.33
CA VAL B 219 -17.28 10.95 -18.39
C VAL B 219 -18.35 12.05 -18.38
N ALA B 220 -18.79 12.50 -19.57
CA ALA B 220 -19.82 13.53 -19.76
C ALA B 220 -21.15 13.10 -19.13
N GLY B 221 -21.45 11.80 -19.19
CA GLY B 221 -22.63 11.19 -18.59
C GLY B 221 -22.60 11.28 -17.07
N LEU B 222 -21.42 10.98 -16.46
CA LEU B 222 -21.21 11.07 -15.01
C LEU B 222 -21.33 12.51 -14.48
N ILE B 223 -20.71 13.48 -15.19
CA ILE B 223 -20.76 14.92 -14.84
C ILE B 223 -22.22 15.43 -14.86
N SER B 224 -23.01 15.02 -15.88
CA SER B 224 -24.43 15.39 -16.04
C SER B 224 -25.36 14.61 -15.09
N GLU B 226 -26.25 11.35 -15.23
CA GLU B 226 -26.87 10.22 -15.93
C GLU B 226 -26.44 8.85 -15.38
N TYR B 227 -25.23 8.77 -14.78
CA TYR B 227 -24.68 7.51 -14.25
C TYR B 227 -24.20 7.63 -12.81
N ASP B 228 -24.28 6.53 -12.07
CA ASP B 228 -23.80 6.45 -10.68
C ASP B 228 -22.33 6.07 -10.66
N ILE B 229 -21.94 5.10 -11.51
CA ILE B 229 -20.56 4.60 -11.67
C ILE B 229 -20.26 4.42 -13.15
N ILE B 230 -19.06 4.80 -13.57
CA ILE B 230 -18.58 4.58 -14.93
C ILE B 230 -17.29 3.76 -14.86
N THR B 231 -17.04 2.94 -15.86
CA THR B 231 -15.90 2.03 -15.87
C THR B 231 -14.87 2.42 -16.96
N THR B 232 -13.74 1.71 -16.94
CA THR B 232 -12.68 1.72 -17.95
C THR B 232 -12.15 3.12 -18.34
N LEU B 233 -11.77 3.91 -17.33
CA LEU B 233 -11.18 5.22 -17.59
C LEU B 233 -9.68 5.09 -17.54
N THR B 234 -8.96 6.16 -17.89
CA THR B 234 -7.50 6.14 -17.87
C THR B 234 -7.04 7.12 -16.77
N PRO B 235 -5.80 6.97 -16.25
CA PRO B 235 -5.30 7.92 -15.23
C PRO B 235 -5.32 9.40 -15.67
N ASP B 236 -5.43 9.66 -16.98
CA ASP B 236 -5.52 11.00 -17.56
C ASP B 236 -6.87 11.68 -17.24
N ASP B 237 -7.92 10.88 -17.02
CA ASP B 237 -9.28 11.35 -16.69
C ASP B 237 -9.42 11.77 -15.22
N ILE B 238 -8.49 11.32 -14.34
CA ILE B 238 -8.50 11.53 -12.88
C ILE B 238 -8.69 12.98 -12.41
N GLN B 239 -7.82 13.90 -12.86
CA GLN B 239 -7.84 15.31 -12.47
C GLN B 239 -9.18 16.03 -12.72
N LEU B 240 -9.81 15.80 -13.87
CA LEU B 240 -11.09 16.42 -14.22
C LEU B 240 -12.24 15.96 -13.29
N ILE B 241 -12.42 14.62 -13.13
CA ILE B 241 -13.48 14.04 -12.30
C ILE B 241 -13.36 14.47 -10.83
N ASN B 242 -12.14 14.39 -10.26
CA ASN B 242 -11.88 14.75 -8.87
C ASN B 242 -11.99 16.26 -8.57
N SER B 243 -12.08 17.11 -9.62
CA SER B 243 -12.27 18.55 -9.46
C SER B 243 -13.74 18.83 -9.10
N TYR B 244 -14.63 17.85 -9.38
CA TYR B 244 -16.04 17.92 -9.05
C TYR B 244 -16.25 17.45 -7.61
N PRO B 245 -16.88 18.27 -6.73
CA PRO B 245 -17.08 17.85 -5.33
C PRO B 245 -18.02 16.66 -5.13
N ASP B 246 -18.96 16.42 -6.06
CA ASP B 246 -19.92 15.32 -5.97
C ASP B 246 -19.38 13.99 -6.59
N LEU B 247 -18.28 14.09 -7.36
CA LEU B 247 -17.66 13.00 -8.13
C LEU B 247 -16.28 12.59 -7.59
N GLU B 248 -15.85 11.33 -7.81
CA GLU B 248 -14.51 10.86 -7.42
C GLU B 248 -14.05 9.67 -8.23
N THR B 249 -12.72 9.47 -8.32
CA THR B 249 -12.19 8.29 -9.01
C THR B 249 -11.82 7.25 -7.99
N ARG B 250 -11.96 5.98 -8.38
CA ARG B 250 -11.63 4.82 -7.56
C ARG B 250 -10.91 3.86 -8.48
N GLY B 251 -9.66 3.62 -8.17
CA GLY B 251 -8.80 2.78 -9.00
C GLY B 251 -8.00 1.77 -8.24
N THR B 252 -7.53 0.75 -8.97
CA THR B 252 -6.72 -0.33 -8.43
C THR B 252 -5.98 -1.04 -9.58
N LEU B 253 -4.86 -1.65 -9.25
CA LEU B 253 -4.11 -2.51 -10.16
C LEU B 253 -4.92 -3.81 -10.16
N ILE B 254 -5.24 -4.34 -11.34
CA ILE B 254 -6.03 -5.56 -11.38
C ILE B 254 -5.17 -6.74 -11.80
N GLU B 255 -5.66 -7.96 -11.51
CA GLU B 255 -5.00 -9.21 -11.84
C GLU B 255 -5.34 -9.60 -13.29
N ASN B 256 -4.78 -8.82 -14.21
CA ASN B 256 -4.99 -8.93 -15.65
C ASN B 256 -3.82 -8.26 -16.33
N PHE B 257 -3.53 -8.65 -17.56
CA PHE B 257 -2.51 -7.98 -18.36
C PHE B 257 -3.06 -7.65 -19.73
N HIS B 258 -2.70 -6.47 -20.22
CA HIS B 258 -3.02 -6.03 -21.59
C HIS B 258 -1.89 -6.58 -22.46
N MET B 259 -2.20 -6.92 -23.71
CA MET B 259 -1.22 -7.47 -24.63
C MET B 259 -1.64 -7.18 -26.08
N PHE B 260 -0.75 -7.49 -27.03
CA PHE B 260 -1.08 -7.58 -28.43
C PHE B 260 -0.66 -8.98 -28.84
N THR B 261 -1.37 -9.54 -29.81
CA THR B 261 -1.13 -10.90 -30.27
C THR B 261 -1.23 -11.00 -31.77
N PHE B 262 -0.95 -12.18 -32.30
CA PHE B 262 -0.86 -12.31 -33.74
C PHE B 262 -1.72 -13.43 -34.25
N ASN B 263 -2.16 -13.33 -35.53
CA ASN B 263 -2.79 -14.44 -36.20
C ASN B 263 -1.62 -15.14 -36.90
N MET B 264 -1.12 -16.21 -36.29
CA MET B 264 0.02 -16.98 -36.79
C MET B 264 -0.28 -17.93 -37.95
N ASN B 265 -1.54 -17.91 -38.43
CA ASN B 265 -1.92 -18.61 -39.65
C ASN B 265 -1.52 -17.69 -40.85
N GLN B 266 -1.29 -16.38 -40.59
CA GLN B 266 -0.88 -15.42 -41.64
C GLN B 266 0.59 -15.68 -41.95
N GLU B 267 0.95 -15.68 -43.24
CA GLU B 267 2.30 -15.93 -43.75
C GLU B 267 3.39 -15.14 -43.00
N VAL B 268 3.18 -13.85 -42.80
CA VAL B 268 4.11 -12.93 -42.14
C VAL B 268 4.35 -13.30 -40.65
N PHE B 269 3.40 -14.02 -40.02
CA PHE B 269 3.50 -14.40 -38.61
C PHE B 269 3.62 -15.89 -38.32
N LYS B 270 3.81 -16.72 -39.37
CA LYS B 270 3.97 -18.17 -39.17
C LYS B 270 5.25 -18.46 -38.37
N ASP B 271 6.30 -17.70 -38.63
CA ASP B 271 7.62 -17.81 -38.03
C ASP B 271 7.75 -16.69 -36.94
N LYS B 272 8.65 -16.86 -35.98
CA LYS B 272 8.78 -15.92 -34.86
C LYS B 272 9.56 -14.62 -35.16
N LYS B 273 10.29 -14.55 -36.30
CA LYS B 273 11.16 -13.40 -36.61
C LYS B 273 10.51 -12.02 -36.49
N LEU B 274 9.42 -11.79 -37.24
CA LEU B 274 8.72 -10.50 -37.17
C LEU B 274 7.95 -10.28 -35.87
N ARG B 275 7.41 -11.36 -35.26
CA ARG B 275 6.74 -11.29 -33.95
C ARG B 275 7.73 -10.76 -32.90
N ARG B 276 8.95 -11.32 -32.91
CA ARG B 276 10.05 -10.93 -32.04
C ARG B 276 10.50 -9.49 -32.33
N ALA B 277 10.60 -9.08 -33.62
CA ALA B 277 11.03 -7.71 -33.99
C ALA B 277 10.06 -6.68 -33.35
N LEU B 278 8.77 -6.96 -33.49
CA LEU B 278 7.70 -6.14 -32.91
C LEU B 278 7.74 -6.09 -31.38
N ALA B 279 7.99 -7.24 -30.72
CA ALA B 279 8.09 -7.35 -29.26
C ALA B 279 9.30 -6.56 -28.72
N LEU B 280 10.46 -6.69 -29.39
CA LEU B 280 11.70 -6.05 -28.93
C LEU B 280 11.75 -4.54 -29.06
N ALA B 281 10.86 -3.97 -29.87
CA ALA B 281 10.75 -2.52 -30.10
C ALA B 281 9.75 -1.81 -29.17
N VAL B 282 8.98 -2.59 -28.37
CA VAL B 282 8.00 -1.99 -27.46
C VAL B 282 8.73 -1.39 -26.24
N ASN B 283 8.72 -0.05 -26.14
CA ASN B 283 9.29 0.66 -25.00
C ASN B 283 8.17 0.86 -23.96
N ARG B 284 7.99 -0.15 -23.11
CA ARG B 284 6.97 -0.17 -22.06
C ARG B 284 7.10 0.95 -21.04
N PRO B 285 8.31 1.28 -20.49
CA PRO B 285 8.39 2.39 -19.51
C PRO B 285 7.85 3.71 -20.04
N ILE B 286 8.11 3.98 -21.32
CA ILE B 286 7.68 5.19 -22.02
C ILE B 286 6.15 5.26 -22.12
N MET B 287 5.49 4.14 -22.43
CA MET B 287 4.02 4.05 -22.53
C MET B 287 3.38 4.22 -21.15
N VAL B 288 3.97 3.58 -20.12
CA VAL B 288 3.52 3.65 -18.73
C VAL B 288 3.59 5.10 -18.19
N GLU B 289 4.66 5.86 -18.55
CA GLU B 289 4.79 7.26 -18.13
C GLU B 289 3.77 8.12 -18.86
N ALA B 290 3.73 8.04 -20.20
CA ALA B 290 2.87 8.84 -21.07
C ALA B 290 1.37 8.59 -20.94
N LEU B 291 0.95 7.33 -20.81
CA LEU B 291 -0.47 6.99 -20.76
C LEU B 291 -1.04 6.58 -19.41
N TRP B 292 -0.20 6.08 -18.50
CA TRP B 292 -0.68 5.53 -17.24
C TRP B 292 -0.26 6.28 -15.99
N LYS B 293 0.45 7.43 -16.16
CA LYS B 293 0.93 8.26 -15.05
C LYS B 293 1.60 7.39 -13.95
N LYS B 294 2.46 6.44 -14.38
CA LYS B 294 3.24 5.51 -13.54
C LYS B 294 2.40 4.47 -12.77
N GLN B 295 1.08 4.41 -13.03
CA GLN B 295 0.15 3.53 -12.30
C GLN B 295 0.05 2.11 -12.79
N ALA B 296 0.34 1.88 -14.07
CA ALA B 296 0.32 0.51 -14.61
C ALA B 296 1.62 -0.18 -14.16
N SER B 297 1.61 -1.51 -14.07
CA SER B 297 2.78 -2.25 -13.64
C SER B 297 3.32 -3.13 -14.77
N ILE B 298 4.64 -3.06 -14.99
CA ILE B 298 5.28 -3.88 -16.02
C ILE B 298 5.77 -5.19 -15.35
N PRO B 299 5.19 -6.35 -15.71
CA PRO B 299 5.65 -7.61 -15.08
C PRO B 299 6.98 -8.09 -15.66
N ALA B 300 7.72 -8.88 -14.89
CA ALA B 300 8.97 -9.50 -15.33
C ALA B 300 8.58 -10.85 -15.96
N GLY B 301 8.01 -10.76 -17.17
CA GLY B 301 7.54 -11.92 -17.93
C GLY B 301 6.09 -12.26 -17.65
N PHE B 302 5.66 -13.44 -18.12
CA PHE B 302 4.29 -13.94 -17.90
C PHE B 302 4.31 -14.44 -16.44
N ASN B 303 4.32 -13.49 -15.49
CA ASN B 303 4.63 -13.71 -14.09
C ASN B 303 4.02 -12.60 -13.22
N PHE B 304 3.06 -12.96 -12.36
CA PHE B 304 2.29 -12.00 -11.55
C PHE B 304 2.19 -12.38 -10.06
N PRO B 305 2.18 -11.38 -9.16
CA PRO B 305 2.10 -11.68 -7.71
C PRO B 305 0.97 -12.60 -7.26
N ASN B 306 -0.24 -12.54 -7.91
CA ASN B 306 -1.37 -13.41 -7.54
C ASN B 306 -1.08 -14.91 -7.74
N TYR B 307 0.04 -15.25 -8.44
CA TYR B 307 0.43 -16.66 -8.62
C TYR B 307 0.88 -17.30 -7.27
N GLY B 308 1.19 -16.47 -6.28
CA GLY B 308 1.62 -16.91 -4.96
C GLY B 308 2.92 -17.69 -5.00
N GLU B 309 2.84 -19.01 -4.75
CA GLU B 309 3.99 -19.94 -4.75
C GLU B 309 4.67 -20.06 -6.13
N THR B 310 3.96 -19.74 -7.23
CA THR B 310 4.51 -19.81 -8.60
C THR B 310 4.81 -18.43 -9.19
N PHE B 311 4.86 -17.43 -8.34
CA PHE B 311 5.30 -16.10 -8.72
C PHE B 311 6.81 -16.08 -8.47
N ASP B 312 7.59 -15.60 -9.45
CA ASP B 312 9.03 -15.48 -9.30
C ASP B 312 9.41 -13.99 -9.15
N PRO B 313 9.64 -13.51 -7.91
CA PRO B 313 10.01 -12.10 -7.72
C PRO B 313 11.41 -11.73 -8.25
N LYS B 314 12.24 -12.75 -8.60
CA LYS B 314 13.63 -12.58 -9.05
C LYS B 314 13.84 -12.52 -10.58
N ARG B 315 12.79 -12.78 -11.38
CA ARG B 315 12.86 -12.79 -12.84
C ARG B 315 13.35 -11.50 -13.47
N LYS B 316 14.14 -11.63 -14.53
CA LYS B 316 14.64 -10.49 -15.30
C LYS B 316 13.53 -9.84 -16.10
N ALA B 317 13.67 -8.53 -16.38
CA ALA B 317 12.69 -7.79 -17.18
C ALA B 317 12.62 -8.32 -18.62
N MET B 318 11.46 -8.16 -19.26
CA MET B 318 11.25 -8.51 -20.67
C MET B 318 12.14 -7.56 -21.48
N GLU B 319 12.78 -8.08 -22.51
CA GLU B 319 13.79 -7.37 -23.27
C GLU B 319 13.29 -6.22 -24.13
N TYR B 320 14.07 -5.15 -24.16
CA TYR B 320 13.85 -4.01 -25.06
C TYR B 320 15.16 -3.84 -25.84
N ASN B 321 15.13 -4.07 -27.16
CA ASN B 321 16.35 -4.04 -27.97
C ASN B 321 16.04 -3.65 -29.42
N VAL B 322 16.04 -2.35 -29.70
CA VAL B 322 15.77 -1.76 -31.02
C VAL B 322 16.73 -2.25 -32.13
N GLU B 323 18.03 -2.42 -31.81
CA GLU B 323 18.99 -2.90 -32.79
C GLU B 323 18.75 -4.35 -33.20
N GLU B 324 18.43 -5.23 -32.22
CA GLU B 324 18.10 -6.63 -32.50
C GLU B 324 16.77 -6.70 -33.27
N ALA B 325 15.80 -5.83 -32.91
CA ALA B 325 14.52 -5.76 -33.62
C ALA B 325 14.78 -5.43 -35.13
N LYS B 326 15.61 -4.41 -35.43
CA LYS B 326 15.97 -4.02 -36.80
C LYS B 326 16.61 -5.19 -37.56
N ARG B 327 17.51 -5.95 -36.87
CA ARG B 327 18.18 -7.13 -37.44
C ARG B 327 17.12 -8.20 -37.87
N LEU B 328 16.14 -8.48 -36.98
CA LEU B 328 15.06 -9.44 -37.21
C LEU B 328 14.14 -9.01 -38.37
N VAL B 329 13.84 -7.70 -38.48
CA VAL B 329 13.05 -7.17 -39.62
C VAL B 329 13.79 -7.54 -40.94
N LYS B 330 15.11 -7.25 -41.03
CA LYS B 330 15.90 -7.57 -42.23
C LYS B 330 15.89 -9.10 -42.51
N GLU B 331 16.18 -9.92 -41.49
CA GLU B 331 16.25 -11.38 -41.60
C GLU B 331 14.90 -11.98 -42.03
N SER B 332 13.78 -11.40 -41.57
CA SER B 332 12.43 -11.86 -41.90
C SER B 332 12.10 -11.71 -43.40
N GLY B 333 12.74 -10.78 -44.08
CA GLY B 333 12.46 -10.46 -45.47
C GLY B 333 11.26 -9.54 -45.63
N TYR B 334 10.77 -8.94 -44.51
CA TYR B 334 9.65 -8.00 -44.49
C TYR B 334 9.89 -6.88 -45.52
N ASP B 335 8.88 -6.62 -46.37
CA ASP B 335 9.00 -5.69 -47.50
C ASP B 335 8.39 -4.29 -47.34
N GLY B 336 7.83 -3.97 -46.18
CA GLY B 336 7.25 -2.64 -45.98
C GLY B 336 5.74 -2.61 -46.07
N THR B 337 5.12 -3.70 -46.58
CA THR B 337 3.67 -3.85 -46.70
C THR B 337 3.01 -3.56 -45.34
N PRO B 338 2.00 -2.65 -45.27
CA PRO B 338 1.36 -2.38 -43.97
C PRO B 338 0.69 -3.62 -43.38
N ILE B 339 0.85 -3.78 -42.07
CA ILE B 339 0.29 -4.87 -41.27
C ILE B 339 -0.81 -4.28 -40.42
N THR B 340 -2.02 -4.83 -40.50
CA THR B 340 -3.14 -4.32 -39.70
C THR B 340 -3.08 -4.74 -38.23
N TYR B 341 -3.63 -3.89 -37.36
CA TYR B 341 -3.74 -4.11 -35.93
C TYR B 341 -5.21 -3.76 -35.57
N HIS B 342 -6.00 -4.80 -35.29
CA HIS B 342 -7.42 -4.65 -34.98
C HIS B 342 -7.67 -4.27 -33.53
N THR B 343 -8.48 -3.24 -33.34
CA THR B 343 -8.89 -2.79 -32.00
C THR B 343 -10.39 -2.44 -32.00
N MET B 344 -11.09 -2.79 -30.94
CA MET B 344 -12.51 -2.47 -30.80
C MET B 344 -12.58 -1.13 -30.08
N GLY B 345 -12.15 -0.08 -30.77
CA GLY B 345 -12.05 1.27 -30.22
C GLY B 345 -11.26 1.23 -28.93
N ASN B 346 -11.83 1.83 -27.86
CA ASN B 346 -11.21 1.80 -26.55
C ASN B 346 -11.88 0.83 -25.55
N TYR B 347 -12.28 -0.38 -26.02
CA TYR B 347 -12.79 -1.45 -25.18
C TYR B 347 -11.79 -1.65 -24.03
N TYR B 348 -10.48 -1.65 -24.36
CA TYR B 348 -9.40 -1.68 -23.36
C TYR B 348 -9.01 -0.24 -23.12
N ALA B 349 -8.86 0.15 -21.83
CA ALA B 349 -8.40 1.48 -21.44
C ALA B 349 -7.04 1.70 -22.09
N ASN B 350 -6.86 2.89 -22.74
CA ASN B 350 -5.65 3.28 -23.46
C ASN B 350 -5.31 2.44 -24.71
N ALA B 351 -6.25 1.63 -25.25
CA ALA B 351 -5.95 0.79 -26.43
C ALA B 351 -5.45 1.61 -27.62
N MET B 352 -6.24 2.60 -28.07
CA MET B 352 -5.87 3.45 -29.21
C MET B 352 -4.65 4.36 -28.95
N PRO B 353 -4.52 5.08 -27.80
CA PRO B 353 -3.28 5.86 -27.56
C PRO B 353 -2.03 4.96 -27.49
N ALA B 354 -2.13 3.73 -26.88
CA ALA B 354 -1.00 2.79 -26.82
C ALA B 354 -0.61 2.38 -28.23
N LEU B 355 -1.61 2.06 -29.08
CA LEU B 355 -1.38 1.68 -30.46
C LEU B 355 -0.66 2.81 -31.26
N MET B 356 -1.11 4.08 -31.11
CA MET B 356 -0.50 5.23 -31.80
C MET B 356 0.98 5.33 -31.47
N MET B 357 1.33 5.15 -30.18
CA MET B 357 2.73 5.15 -29.72
C MET B 357 3.53 3.99 -30.34
N MET B 358 2.96 2.76 -30.30
CA MET B 358 3.59 1.56 -30.87
C MET B 358 3.80 1.66 -32.36
N ILE B 359 2.81 2.20 -33.11
CA ILE B 359 2.93 2.42 -34.57
C ILE B 359 4.19 3.27 -34.86
N GLU B 360 4.45 4.33 -34.05
CA GLU B 360 5.63 5.18 -34.20
C GLU B 360 6.91 4.41 -33.87
N MET B 361 6.87 3.61 -32.76
CA MET B 361 8.02 2.76 -32.34
C MET B 361 8.39 1.76 -33.47
N TRP B 362 7.36 1.14 -34.07
CA TRP B 362 7.53 0.18 -35.16
C TRP B 362 8.00 0.81 -36.46
N LYS B 363 7.48 2.00 -36.80
CA LYS B 363 7.91 2.74 -37.99
C LYS B 363 9.44 2.99 -37.87
N GLN B 364 9.92 3.26 -36.64
CA GLN B 364 11.35 3.48 -36.38
C GLN B 364 12.25 2.25 -36.56
N ILE B 365 11.66 1.02 -36.56
CA ILE B 365 12.41 -0.23 -36.82
C ILE B 365 12.20 -0.72 -38.28
N GLY B 366 11.41 0.02 -39.05
CA GLY B 366 11.11 -0.27 -40.45
C GLY B 366 9.86 -1.10 -40.69
N VAL B 367 8.95 -1.19 -39.68
CA VAL B 367 7.71 -1.95 -39.84
C VAL B 367 6.52 -0.99 -39.89
N ASN B 368 5.70 -1.10 -40.95
CA ASN B 368 4.52 -0.26 -41.09
C ASN B 368 3.27 -0.98 -40.62
N VAL B 369 2.69 -0.47 -39.54
CA VAL B 369 1.51 -1.05 -38.88
C VAL B 369 0.39 -0.03 -39.01
N VAL B 370 -0.82 -0.49 -39.38
CA VAL B 370 -1.99 0.38 -39.55
C VAL B 370 -3.17 -0.04 -38.65
N MET B 371 -3.78 0.92 -37.94
CA MET B 371 -4.93 0.63 -37.08
C MET B 371 -6.17 0.29 -37.91
N LYS B 372 -6.88 -0.76 -37.49
CA LYS B 372 -8.19 -1.11 -38.03
C LYS B 372 -9.15 -1.22 -36.86
N THR B 373 -10.22 -0.44 -36.88
CA THR B 373 -11.18 -0.54 -35.79
C THR B 373 -12.34 -1.43 -36.19
N TYR B 374 -12.95 -2.06 -35.21
CA TYR B 374 -14.17 -2.83 -35.37
C TYR B 374 -15.16 -2.47 -34.28
N ALA B 375 -16.42 -2.74 -34.54
CA ALA B 375 -17.51 -2.33 -33.67
C ALA B 375 -17.86 -3.36 -32.64
N PRO B 376 -18.36 -2.89 -31.51
CA PRO B 376 -18.63 -3.74 -30.37
C PRO B 376 -19.37 -4.95 -30.75
N GLY B 377 -19.93 -4.99 -31.93
CA GLY B 377 -20.35 -6.24 -32.49
C GLY B 377 -19.41 -7.39 -32.21
N SER B 378 -18.42 -7.65 -33.06
CA SER B 378 -18.30 -7.30 -34.48
C SER B 378 -16.89 -7.68 -34.98
N PHE B 379 -16.29 -8.65 -34.31
CA PHE B 379 -14.96 -9.12 -34.62
C PHE B 379 -14.98 -9.72 -36.03
N PRO B 380 -14.09 -9.30 -36.90
CA PRO B 380 -14.03 -9.84 -38.25
C PRO B 380 -13.59 -11.28 -38.29
N PRO B 381 -13.73 -11.94 -39.41
CA PRO B 381 -13.25 -13.31 -39.55
C PRO B 381 -11.75 -13.37 -39.29
N ASP B 382 -11.29 -14.48 -38.76
CA ASP B 382 -9.91 -14.68 -38.40
C ASP B 382 -8.92 -14.28 -39.48
N ASN B 383 -9.14 -14.74 -40.70
CA ASN B 383 -8.28 -14.49 -41.88
C ASN B 383 -8.19 -13.03 -42.30
N GLN B 384 -9.05 -12.15 -41.75
CA GLN B 384 -8.99 -10.70 -42.01
C GLN B 384 -8.10 -10.01 -40.95
N THR B 385 -7.62 -10.76 -39.96
CA THR B 385 -6.79 -10.18 -38.90
C THR B 385 -5.32 -10.61 -38.93
N TRP B 386 -4.42 -9.69 -38.60
CA TRP B 386 -2.98 -9.95 -38.51
C TRP B 386 -2.61 -9.74 -37.02
N MET B 387 -2.45 -8.49 -36.58
CA MET B 387 -2.22 -8.17 -35.17
C MET B 387 -3.54 -7.76 -34.57
N ARG B 388 -3.69 -7.93 -33.25
CA ARG B 388 -4.89 -7.50 -32.51
C ARG B 388 -4.51 -7.34 -31.05
N ASN B 389 -5.24 -6.49 -30.31
CA ASN B 389 -4.97 -6.38 -28.88
C ASN B 389 -5.91 -7.35 -28.15
N TRP B 390 -5.59 -7.66 -26.90
CA TRP B 390 -6.32 -8.62 -26.11
C TRP B 390 -5.89 -8.43 -24.68
N SER B 391 -6.54 -9.14 -23.75
CA SER B 391 -6.12 -9.13 -22.35
C SER B 391 -6.38 -10.51 -21.81
N ASN B 392 -5.74 -10.83 -20.68
CA ASN B 392 -5.95 -12.10 -19.96
C ASN B 392 -6.07 -11.82 -18.49
N GLY B 393 -7.21 -12.21 -17.92
CA GLY B 393 -7.41 -12.12 -16.48
C GLY B 393 -6.69 -13.29 -15.85
N GLN B 394 -5.84 -13.03 -14.86
CA GLN B 394 -5.07 -14.08 -14.17
C GLN B 394 -5.98 -14.62 -13.08
N TRP B 395 -6.82 -15.59 -13.48
CA TRP B 395 -7.94 -16.12 -12.73
C TRP B 395 -7.78 -17.19 -11.66
N MET B 396 -6.56 -17.62 -11.38
CA MET B 396 -6.27 -18.59 -10.32
C MET B 396 -5.21 -17.99 -9.40
N THR B 397 -5.08 -18.56 -8.18
CA THR B 397 -4.01 -18.19 -7.24
C THR B 397 -2.83 -19.14 -7.54
N ASP B 398 -2.51 -19.26 -8.83
CA ASP B 398 -1.50 -20.17 -9.37
C ASP B 398 -1.11 -19.73 -10.79
N ALA B 399 0.13 -20.02 -11.20
CA ALA B 399 0.66 -19.69 -12.53
C ALA B 399 -0.02 -20.46 -13.69
N TYR B 400 -0.80 -21.53 -13.37
CA TYR B 400 -1.53 -22.30 -14.39
C TYR B 400 -2.31 -21.40 -15.35
N ALA B 401 -3.13 -20.46 -14.81
CA ALA B 401 -3.87 -19.51 -15.63
C ALA B 401 -3.02 -18.21 -15.74
N THR B 402 -2.89 -17.63 -16.92
CA THR B 402 -3.50 -18.09 -18.20
C THR B 402 -2.53 -18.78 -19.17
N ILE B 403 -1.26 -18.91 -18.82
CA ILE B 403 -0.31 -19.54 -19.74
C ILE B 403 -0.80 -20.90 -20.27
N VAL B 404 -1.29 -21.79 -19.41
CA VAL B 404 -1.75 -23.11 -19.88
C VAL B 404 -3.13 -23.01 -20.61
N PRO B 405 -4.22 -22.47 -20.02
CA PRO B 405 -5.49 -22.47 -20.77
C PRO B 405 -5.49 -21.69 -22.09
N GLU B 406 -4.75 -20.56 -22.16
CA GLU B 406 -4.74 -19.77 -23.39
C GLU B 406 -3.64 -20.19 -24.39
N PHE B 407 -2.42 -20.41 -23.89
CA PHE B 407 -1.23 -20.67 -24.71
C PHE B 407 -0.78 -22.12 -24.79
N GLY B 408 -1.43 -22.99 -24.01
CA GLY B 408 -1.14 -24.43 -23.95
C GLY B 408 -1.52 -25.25 -25.18
N PRO B 409 -1.13 -26.56 -25.23
CA PRO B 409 -1.41 -27.39 -26.42
C PRO B 409 -2.89 -27.56 -26.76
N ASN B 410 -3.78 -27.43 -25.77
CA ASN B 410 -5.24 -27.55 -25.93
C ASN B 410 -5.91 -26.17 -26.09
N GLY B 411 -5.12 -25.10 -25.96
CA GLY B 411 -5.63 -23.73 -26.01
C GLY B 411 -5.86 -23.16 -27.38
N GLN B 412 -6.54 -22.02 -27.42
CA GLN B 412 -6.92 -21.35 -28.66
C GLN B 412 -5.75 -20.68 -29.39
N VAL B 413 -4.68 -20.24 -28.68
CA VAL B 413 -3.53 -19.60 -29.35
C VAL B 413 -2.88 -20.60 -30.32
N GLN B 414 -2.75 -21.84 -29.90
CA GLN B 414 -2.20 -22.90 -30.74
C GLN B 414 -3.25 -23.48 -31.70
N LYS B 415 -4.47 -23.79 -31.19
CA LYS B 415 -5.49 -24.46 -32.03
C LYS B 415 -6.23 -23.57 -33.03
N ARG B 416 -6.57 -22.35 -32.65
CA ARG B 416 -7.28 -21.42 -33.52
C ARG B 416 -6.31 -20.45 -34.22
N TRP B 417 -5.38 -19.86 -33.45
CA TRP B 417 -4.48 -18.83 -33.93
C TRP B 417 -3.16 -19.28 -34.55
N GLY B 418 -2.95 -20.59 -34.64
CA GLY B 418 -1.81 -21.18 -35.34
C GLY B 418 -0.41 -21.08 -34.76
N TRP B 419 -0.26 -20.80 -33.46
CA TRP B 419 1.10 -20.79 -32.87
C TRP B 419 1.66 -22.21 -32.92
N LYS B 420 2.79 -22.40 -33.60
CA LYS B 420 3.47 -23.69 -33.64
C LYS B 420 4.47 -23.66 -32.48
N ALA B 421 3.97 -23.92 -31.26
CA ALA B 421 4.77 -23.88 -30.05
C ALA B 421 5.86 -24.96 -30.08
N PRO B 422 7.06 -24.66 -29.54
CA PRO B 422 8.11 -25.70 -29.43
C PRO B 422 7.55 -26.86 -28.60
N ALA B 423 7.89 -28.10 -28.98
CA ALA B 423 7.41 -29.31 -28.30
C ALA B 423 7.75 -29.25 -26.80
N GLU B 424 8.91 -28.69 -26.43
CA GLU B 424 9.33 -28.56 -25.03
C GLU B 424 8.29 -27.76 -24.22
N PHE B 425 7.74 -26.69 -24.82
CA PHE B 425 6.70 -25.87 -24.16
C PHE B 425 5.46 -26.71 -23.80
N ASN B 426 4.96 -27.48 -24.76
CA ASN B 426 3.78 -28.31 -24.57
C ASN B 426 4.01 -29.43 -23.54
N GLU B 427 5.25 -29.97 -23.50
CA GLU B 427 5.65 -31.02 -22.54
C GLU B 427 5.61 -30.44 -21.10
N LEU B 428 6.07 -29.18 -20.96
CA LEU B 428 6.05 -28.46 -19.69
C LEU B 428 4.64 -28.11 -19.23
N CYS B 429 3.75 -27.71 -20.16
CA CYS B 429 2.32 -27.42 -19.86
C CYS B 429 1.67 -28.62 -19.17
N GLN B 430 1.92 -29.82 -19.72
CA GLN B 430 1.41 -31.06 -19.19
C GLN B 430 1.99 -31.36 -17.79
N LYS B 431 3.30 -31.07 -17.58
CA LYS B 431 3.98 -31.31 -16.30
C LYS B 431 3.40 -30.40 -15.21
N VAL B 432 3.23 -29.10 -15.50
CA VAL B 432 2.68 -28.19 -14.50
C VAL B 432 1.21 -28.44 -14.13
N THR B 433 0.45 -29.05 -15.04
CA THR B 433 -0.98 -29.37 -14.85
C THR B 433 -1.16 -30.39 -13.72
N VAL B 434 -0.28 -31.41 -13.69
CA VAL B 434 -0.39 -32.54 -12.76
C VAL B 434 0.50 -32.48 -11.52
N LEU B 435 1.58 -31.70 -11.54
CA LEU B 435 2.50 -31.67 -10.41
C LEU B 435 1.99 -30.84 -9.22
N PRO B 436 2.37 -31.21 -7.97
CA PRO B 436 2.05 -30.31 -6.85
C PRO B 436 3.15 -29.22 -6.83
N ASN B 437 2.96 -28.13 -6.06
CA ASN B 437 4.00 -27.09 -5.96
C ASN B 437 5.30 -27.63 -5.41
N GLY B 438 6.40 -27.09 -5.89
CA GLY B 438 7.74 -27.49 -5.50
C GLY B 438 8.75 -27.03 -6.53
N LYS B 439 10.03 -27.36 -6.29
CA LYS B 439 11.13 -26.97 -7.17
C LYS B 439 10.90 -27.29 -8.66
N GLU B 440 10.52 -28.54 -8.98
CA GLU B 440 10.30 -28.97 -10.35
C GLU B 440 9.21 -28.14 -11.07
N ARG B 441 8.06 -27.96 -10.41
CA ARG B 441 6.94 -27.18 -10.97
C ARG B 441 7.34 -25.70 -11.13
N PHE B 442 7.99 -25.12 -10.11
CA PHE B 442 8.44 -23.73 -10.14
C PHE B 442 9.42 -23.51 -11.30
N ASP B 443 10.41 -24.41 -11.46
CA ASP B 443 11.41 -24.31 -12.53
C ASP B 443 10.76 -24.48 -13.90
N ALA B 444 9.75 -25.37 -13.98
CA ALA B 444 9.02 -25.61 -15.21
C ALA B 444 8.30 -24.34 -15.69
N TYR B 445 7.62 -23.57 -14.78
CA TYR B 445 6.99 -22.30 -15.16
C TYR B 445 8.02 -21.28 -15.63
N ASN B 446 9.21 -21.25 -15.02
CA ASN B 446 10.22 -20.29 -15.46
C ASN B 446 10.73 -20.60 -16.86
N ARG B 447 10.83 -21.91 -17.19
CA ARG B 447 11.26 -22.34 -18.51
C ARG B 447 10.21 -21.98 -19.57
N MET B 448 8.91 -22.18 -19.23
CA MET B 448 7.77 -21.85 -20.10
C MET B 448 7.78 -20.35 -20.37
N ARG B 449 8.04 -19.54 -19.31
CA ARG B 449 8.14 -18.07 -19.42
C ARG B 449 9.25 -17.67 -20.39
N ASP B 450 10.42 -18.32 -20.31
CA ASP B 450 11.56 -18.07 -21.19
C ASP B 450 11.22 -18.40 -22.66
N ILE B 451 10.54 -19.54 -22.90
CA ILE B 451 10.12 -19.96 -24.25
C ILE B 451 9.11 -18.96 -24.80
N PHE B 452 8.14 -18.54 -23.96
CA PHE B 452 7.10 -17.58 -24.34
C PHE B 452 7.77 -16.29 -24.85
N GLU B 453 8.82 -15.80 -24.15
CA GLU B 453 9.57 -14.62 -24.58
C GLU B 453 10.38 -14.86 -25.86
N GLU B 454 10.93 -16.07 -26.05
CA GLU B 454 11.70 -16.38 -27.27
C GLU B 454 10.79 -16.49 -28.50
N GLU B 455 9.55 -16.97 -28.29
CA GLU B 455 8.57 -17.24 -29.36
C GLU B 455 7.66 -16.07 -29.68
N ALA B 456 7.42 -15.18 -28.72
CA ALA B 456 6.53 -14.03 -28.85
C ALA B 456 5.15 -14.40 -29.53
N PRO B 457 4.36 -15.43 -29.07
CA PRO B 457 3.03 -15.65 -29.70
C PRO B 457 2.07 -14.50 -29.33
N ALA B 458 2.44 -13.74 -28.29
CA ALA B 458 1.75 -12.54 -27.80
C ALA B 458 2.82 -11.72 -27.14
N VAL B 459 2.56 -10.43 -26.94
CA VAL B 459 3.51 -9.54 -26.34
C VAL B 459 2.80 -8.87 -25.20
N ILE B 460 3.28 -9.12 -23.97
CA ILE B 460 2.73 -8.59 -22.74
C ILE B 460 3.08 -7.11 -22.65
N LEU B 461 2.09 -6.26 -22.42
CA LEU B 461 2.36 -4.85 -22.28
C LEU B 461 2.55 -4.50 -20.80
N TYR B 462 1.47 -4.64 -20.01
CA TYR B 462 1.45 -4.28 -18.60
C TYR B 462 0.17 -4.76 -17.91
N GLN B 463 0.17 -4.71 -16.56
CA GLN B 463 -1.01 -4.93 -15.72
C GLN B 463 -1.67 -3.55 -15.72
N PRO B 464 -2.92 -3.40 -16.18
CA PRO B 464 -3.51 -2.06 -16.20
C PRO B 464 -3.93 -1.58 -14.81
N TYR B 465 -3.98 -0.25 -14.64
CA TYR B 465 -4.50 0.35 -13.42
C TYR B 465 -5.93 0.67 -13.81
N ASP B 466 -6.87 -0.16 -13.31
CA ASP B 466 -8.29 -0.03 -13.63
C ASP B 466 -8.83 1.25 -12.99
N VAL B 467 -9.44 2.14 -13.79
CA VAL B 467 -9.97 3.39 -13.26
C VAL B 467 -11.50 3.47 -13.40
N TYR B 468 -12.19 3.61 -12.27
CA TYR B 468 -13.63 3.79 -12.20
C TYR B 468 -13.87 5.21 -11.67
N ALA B 469 -15.02 5.79 -11.98
CA ALA B 469 -15.43 7.09 -11.44
C ALA B 469 -16.86 6.93 -10.95
N ALA B 470 -17.15 7.50 -9.78
CA ALA B 470 -18.45 7.38 -9.14
C ALA B 470 -18.87 8.58 -8.35
N ARG B 471 -20.18 8.70 -8.11
CA ARG B 471 -20.77 9.72 -7.27
C ARG B 471 -20.31 9.37 -5.86
N LYS B 472 -19.84 10.38 -5.11
CA LYS B 472 -19.37 10.21 -3.73
C LYS B 472 -20.42 9.53 -2.84
N ASP B 473 -21.73 9.80 -3.09
CA ASP B 473 -22.86 9.24 -2.35
C ASP B 473 -23.15 7.74 -2.66
N VAL B 474 -22.36 7.12 -3.58
CA VAL B 474 -22.45 5.71 -3.95
C VAL B 474 -21.19 5.06 -3.37
N HIS B 475 -21.32 4.39 -2.22
CA HIS B 475 -20.20 3.75 -1.54
C HIS B 475 -19.98 2.36 -2.14
N TRP B 476 -18.86 2.21 -2.86
CA TRP B 476 -18.47 0.96 -3.52
C TRP B 476 -16.96 0.99 -3.77
N LYS B 477 -16.28 -0.09 -3.37
CA LYS B 477 -14.84 -0.17 -3.57
C LYS B 477 -14.46 -1.16 -4.67
N PRO B 478 -13.56 -0.76 -5.59
CA PRO B 478 -13.10 -1.69 -6.63
C PRO B 478 -12.31 -2.84 -6.02
N VAL B 479 -12.31 -3.99 -6.71
CA VAL B 479 -11.54 -5.16 -6.30
C VAL B 479 -10.42 -5.35 -7.33
N SER B 480 -9.36 -6.10 -6.97
CA SER B 480 -8.20 -6.32 -7.84
C SER B 480 -8.42 -7.36 -8.98
N PHE B 481 -9.64 -7.38 -9.55
CA PHE B 481 -10.02 -8.29 -10.63
C PHE B 481 -11.00 -7.59 -11.59
N GLU B 482 -11.12 -8.10 -12.83
CA GLU B 482 -12.00 -7.51 -13.85
C GLU B 482 -13.49 -7.81 -13.61
N MET B 483 -13.98 -7.39 -12.44
CA MET B 483 -15.35 -7.58 -12.00
C MET B 483 -15.74 -6.49 -11.01
N MET B 484 -17.02 -6.41 -10.69
CA MET B 484 -17.53 -5.46 -9.71
C MET B 484 -18.22 -6.32 -8.64
N GLU B 485 -17.80 -6.15 -7.38
CA GLU B 485 -18.36 -6.89 -6.25
C GLU B 485 -19.27 -5.94 -5.47
N PHE B 486 -20.54 -6.34 -5.21
CA PHE B 486 -21.50 -5.54 -4.45
C PHE B 486 -21.88 -6.15 -3.11
N ARG B 487 -21.52 -7.44 -2.87
CA ARG B 487 -21.82 -8.13 -1.58
C ARG B 487 -21.02 -7.47 -0.46
N ASN B 488 -21.72 -6.86 0.53
CA ASN B 488 -21.14 -6.10 1.65
C ASN B 488 -20.19 -5.01 1.10
N ASN B 489 -20.57 -4.41 -0.05
CA ASN B 489 -19.75 -3.43 -0.77
C ASN B 489 -20.58 -2.51 -1.69
N LEU B 490 -21.81 -2.21 -1.29
CA LEU B 490 -22.69 -1.30 -2.01
C LEU B 490 -23.69 -0.72 -1.04
N SER B 491 -23.63 0.61 -0.87
CA SER B 491 -24.55 1.37 -0.03
C SER B 491 -24.67 2.78 -0.61
N PHE B 492 -25.80 3.44 -0.35
CA PHE B 492 -26.09 4.77 -0.87
C PHE B 492 -26.28 5.77 0.26
N GLY B 493 -25.69 6.96 0.09
CA GLY B 493 -25.80 8.05 1.05
C GLY B 493 -24.47 8.61 1.51
O2 TT7 C . 11.81 10.88 28.13
C2 TT7 C . 13.08 10.43 27.55
C1 TT7 C . 13.84 9.58 28.56
O1 TT7 C . 13.09 8.87 29.49
C3 TT7 C . 12.72 9.58 26.35
O3 TT7 C . 11.61 8.74 26.55
O5 TT7 C . 13.85 11.46 26.98
C5 TT7 C . 13.57 11.54 25.61
C6 TT7 C . 13.08 12.90 25.26
O6 TT7 C . 14.02 13.91 25.47
C4 TT7 C . 12.52 10.52 25.34
O4 TT7 C . 12.81 9.93 24.07
OP1 TT7 C . 12.03 8.45 22.17
P4 TT7 C . 11.77 9.77 22.84
OP2 TT7 C . 10.35 9.84 23.30
C1 4GL C . 11.76 11.99 29.01
C2 4GL C . 10.88 11.75 30.22
O2 4GL C . 11.16 10.49 30.83
C3 4GL C . 9.40 12.01 30.00
O3 4GL C . 8.58 10.97 30.57
C4 4GL C . 8.96 12.34 28.66
O4 4GL C . 7.56 12.67 28.59
C5 4GL C . 9.92 13.10 27.75
O5 4GL C . 11.33 13.13 28.29
C6 4GL C . 9.53 14.44 27.31
O6 4GL C . 9.84 15.54 28.12
O2 TT7 D . -14.52 -9.63 -27.40
C2 TT7 D . -13.23 -10.31 -27.52
C1 TT7 D . -12.67 -10.07 -28.91
O1 TT7 D . -13.27 -9.07 -29.71
C3 TT7 D . -12.29 -9.75 -26.48
O3 TT7 D . -12.51 -8.40 -26.21
O5 TT7 D . -13.29 -11.67 -27.20
C5 TT7 D . -12.66 -11.89 -25.98
C6 TT7 D . -13.43 -12.86 -25.14
O6 TT7 D . -14.75 -12.52 -24.83
C4 TT7 D . -12.48 -10.55 -25.36
O4 TT7 D . -11.30 -10.55 -24.55
OP1 TT7 D . -9.86 -9.25 -22.93
P4 TT7 D . -11.20 -9.97 -23.03
OP2 TT7 D . -12.30 -9.01 -22.70
C1 4GL D . -15.75 -10.32 -27.66
C2 4GL D . -16.84 -9.46 -28.28
O2 4GL D . -16.34 -8.76 -29.40
C3 4GL D . -17.62 -8.60 -27.30
O3 4GL D . -17.72 -7.20 -27.68
C4 4GL D . -17.26 -8.69 -25.89
O4 4GL D . -18.25 -8.08 -25.02
C5 4GL D . -16.77 -10.02 -25.39
O5 4GL D . -16.20 -10.93 -26.48
C6 4GL D . -17.70 -10.78 -24.57
O6 4GL D . -18.70 -11.50 -25.20
C1 ARA E . 12.21 11.18 19.45
C2 ARA E . 12.97 11.05 20.76
C3 ARA E . 13.88 12.16 20.95
C4 ARA E . 14.72 12.50 19.84
C5 ARA E . 13.88 12.67 18.59
O1 ARA E . 11.51 10.05 19.12
O2 ARA E . 12.02 11.00 21.86
O3 ARA E . 14.69 12.01 22.17
O4 ARA E . 15.65 11.44 19.54
O5 ARA E . 13.05 11.54 18.36
C1 EDO F . -1.56 34.49 34.33
O1 EDO F . -2.61 33.86 35.03
C2 EDO F . -0.24 34.49 35.16
O2 EDO F . 0.15 33.17 35.53
C1 ARA G . -10.12 -11.98 -20.14
C2 ARA G . -10.25 -12.09 -21.66
C3 ARA G . -10.66 -13.41 -22.04
C4 ARA G . -9.87 -14.48 -21.48
C5 ARA G . -9.69 -14.33 -19.98
O1 ARA G . -9.64 -10.73 -19.75
O2 ARA G . -11.30 -11.16 -21.99
O3 ARA G . -10.68 -13.56 -23.51
O4 ARA G . -8.53 -14.44 -22.00
O5 ARA G . -9.37 -13.01 -19.55
C1 PEG H . -26.92 -35.92 -16.52
O1 PEG H . -27.99 -35.35 -17.28
C2 PEG H . -25.83 -34.90 -16.23
O2 PEG H . -26.20 -34.05 -15.16
C3 PEG H . -25.56 -34.38 -13.93
C4 PEG H . -26.51 -34.18 -12.78
O4 PEG H . -27.45 -35.24 -12.66
#